data_6Y5M
#
_entry.id   6Y5M
#
_cell.length_a   61.257
_cell.length_b   61.199
_cell.length_c   67.827
_cell.angle_alpha   87.55
_cell.angle_beta   73.05
_cell.angle_gamma   80.76
#
_symmetry.space_group_name_H-M   'P 1'
#
loop_
_entity.id
_entity.type
_entity.pdbx_description
1 polymer 'Ectonucleotide pyrophosphatase/phosphodiesterase family member 2'
2 branched alpha-D-mannopyranose-(1-2)-alpha-D-mannopyranose-(1-3)-alpha-D-mannopyranose-(1-6)-beta-D-mannopyranose-(1-4)-2-acetamido-2-deoxy-beta-D-glucopyranose-(1-4)-2-acetamido-2-deoxy-beta-D-glucopyranose
3 non-polymer 2-acetamido-2-deoxy-beta-D-glucopyranose
4 non-polymer 'ZINC ION'
5 non-polymer 'PHOSPHATE ION'
6 non-polymer 'CHLORIDE ION'
7 non-polymer (~{E})-3-[4-chloranyl-2-[(5-methyl-1,2,3,4-tetrazol-2-yl)methyl]phenyl]-1-[(2~{R})-4-[(4-fluorophenyl)methyl]-2-methyl-piperazin-1-yl]prop-2-en-1-one
8 non-polymer 'SODIUM ION'
9 water water
#
_entity_poly.entity_id   1
_entity_poly.type   'polypeptide(L)'
_entity_poly.pdbx_seq_one_letter_code
;AEWDEGPPTVLSDSPWTNTSGSCKGRCFELQEVGPPDCRCDNLCKSYSSCCHDFDELCLKTARGWECTKDRCGEVRNEEN
ACHCSEDCLSRGDCCTNYQVVCKGESHWVDDDCEEIRVPECPAGFVRPPLIIFSVDGFRASYMKKGSKVMPNIEKLRSCG
THAPYMRPVYPTKTFPNLYTLATGLYPESHGIVGNSMYDPVFDATFHLRGREKFNHRWWGGQPLWITATKQGVRAGTFFW
SVSIPHERRILTILQWLSLPDNERPSVYAFYSEQPDFSGHKYGPFGPEMTNPLREIDKTVGQLMDGLKQLKLHRCVNVIF
VGDHGMEDVTCDRTEFLSNYLTNVDDITLVPGTLGRIRPKIPNNLKYDPKAIIANLTCKKPDQHFKPYMKQHLPKRLHYA
NNRRIEDLHLLVERRWHVARKPLDVYKKPSGKCFFQGDHGFDNKVNSMQTVFVGYGPTFKYRTKVPPFENIELYNVMCDL
LGLKPAPNNGTHGSLNHLLRTNTFRPTLPEEVSRPNYPGIMYLQSDFDLGCTCDDKNKLEELNKRLHTKGSTEERHLLYG
RPAVLYRTSYDILYHTDFESGYSEIFLMPLWTSYTISKQAEVSSIPEHLTNCVRPDVRVSPGFSQNCLAYKNDKQMSYGF
LFPPYLSSSPEAKYDAFLVTNMVPMYPAFKRVWTYFQRVLVKKYASERNGVNVISGPIFDYNYNGLRDIEDEIKQYVEGS
SIPVPTHYYSIITSCLDFTQPADKCDGPLSVSSFILPHRPDNDESCNSSEDESKWVEELMKMHTARVRDIEHLTGLDFYR
KTSRSYSEILTLKTYLHTYESEIHHHHHH
;
_entity_poly.pdbx_strand_id   A
#
loop_
_chem_comp.id
_chem_comp.type
_chem_comp.name
_chem_comp.formula
BMA D-saccharide, beta linking beta-D-mannopyranose 'C6 H12 O6'
CL non-polymer 'CHLORIDE ION' 'Cl -1'
MAN D-saccharide, alpha linking alpha-D-mannopyranose 'C6 H12 O6'
NA non-polymer 'SODIUM ION' 'Na 1'
NAG D-saccharide, beta linking 2-acetamido-2-deoxy-beta-D-glucopyranose 'C8 H15 N O6'
O9W non-polymer (~{E})-3-[4-chloranyl-2-[(5-methyl-1,2,3,4-tetrazol-2-yl)methyl]phenyl]-1-[(2~{R})-4-[(4-fluorophenyl)methyl]-2-methyl-piperazin-1-yl]prop-2-en-1-one 'C24 H26 Cl F N6 O'
PO4 non-polymer 'PHOSPHATE ION' 'O4 P -3'
ZN non-polymer 'ZINC ION' 'Zn 2'
#
# COMPACT_ATOMS: atom_id res chain seq x y z
N TRP A 16 -34.77 -24.34 0.11
CA TRP A 16 -35.96 -23.86 0.81
C TRP A 16 -35.64 -23.59 2.28
N THR A 17 -36.23 -22.53 2.84
CA THR A 17 -36.04 -22.21 4.24
C THR A 17 -37.41 -22.12 4.91
N ASN A 18 -37.56 -22.78 6.06
CA ASN A 18 -38.77 -22.75 6.87
C ASN A 18 -38.75 -21.40 7.59
N THR A 19 -39.40 -20.38 7.01
CA THR A 19 -39.43 -19.06 7.62
C THR A 19 -40.40 -18.95 8.81
N SER A 20 -41.13 -20.03 9.15
CA SER A 20 -42.09 -20.03 10.26
C SER A 20 -41.46 -20.15 11.66
N GLY A 21 -40.14 -20.33 11.73
CA GLY A 21 -39.44 -20.36 13.00
C GLY A 21 -39.38 -18.98 13.64
N SER A 22 -38.85 -18.90 14.86
CA SER A 22 -38.78 -17.64 15.59
C SER A 22 -37.35 -17.20 15.90
N CYS A 23 -37.16 -15.90 16.09
CA CYS A 23 -35.86 -15.31 16.43
C CYS A 23 -35.73 -14.98 17.92
N LYS A 24 -36.69 -15.42 18.77
CA LYS A 24 -36.66 -15.17 20.22
C LYS A 24 -35.45 -15.86 20.79
N GLY A 25 -34.60 -15.07 21.47
CA GLY A 25 -33.35 -15.56 22.04
C GLY A 25 -32.29 -15.92 21.01
N ARG A 26 -32.46 -15.46 19.75
CA ARG A 26 -31.50 -15.78 18.69
C ARG A 26 -31.04 -14.57 17.89
N CYS A 27 -31.56 -13.36 18.17
CA CYS A 27 -31.20 -12.16 17.43
C CYS A 27 -29.70 -11.96 17.32
N PHE A 28 -29.19 -11.89 16.09
CA PHE A 28 -27.78 -11.69 15.78
C PHE A 28 -26.87 -12.79 16.33
N GLU A 29 -27.36 -14.05 16.33
CA GLU A 29 -26.59 -15.20 16.78
C GLU A 29 -25.37 -15.40 15.85
N LEU A 30 -24.29 -15.97 16.39
CA LEU A 30 -23.06 -16.19 15.65
C LEU A 30 -23.06 -17.53 14.90
N GLN A 31 -23.78 -18.54 15.42
CA GLN A 31 -23.88 -19.83 14.71
C GLN A 31 -24.82 -19.61 13.52
N GLU A 32 -24.29 -19.58 12.30
CA GLU A 32 -25.12 -19.35 11.12
C GLU A 32 -25.78 -20.66 10.65
N VAL A 33 -27.04 -20.91 11.06
CA VAL A 33 -27.76 -22.14 10.68
C VAL A 33 -28.08 -22.18 9.18
N GLY A 34 -28.21 -23.38 8.65
CA GLY A 34 -28.48 -23.57 7.23
C GLY A 34 -29.87 -24.12 6.96
N PRO A 35 -30.29 -24.03 5.68
CA PRO A 35 -31.63 -24.54 5.30
C PRO A 35 -31.84 -25.99 5.70
N PRO A 36 -33.04 -26.35 6.19
CA PRO A 36 -34.27 -25.54 6.23
C PRO A 36 -34.49 -24.63 7.43
N ASP A 37 -33.52 -24.50 8.34
CA ASP A 37 -33.70 -23.62 9.51
C ASP A 37 -33.61 -22.16 9.07
N CYS A 38 -34.53 -21.29 9.54
CA CYS A 38 -34.48 -19.87 9.19
C CYS A 38 -33.42 -19.17 10.00
N ARG A 39 -32.87 -18.09 9.48
CA ARG A 39 -31.78 -17.38 10.12
C ARG A 39 -32.17 -16.13 10.89
N CYS A 40 -31.38 -15.81 11.91
CA CYS A 40 -31.55 -14.62 12.74
C CYS A 40 -30.27 -13.78 12.82
N ASP A 41 -29.23 -14.11 12.03
CA ASP A 41 -27.97 -13.39 12.01
C ASP A 41 -28.07 -12.14 11.15
N ASN A 42 -27.10 -11.23 11.26
CA ASN A 42 -27.15 -9.97 10.54
C ASN A 42 -27.20 -10.06 9.01
N LEU A 43 -26.82 -11.19 8.41
CA LEU A 43 -26.85 -11.33 6.95
C LEU A 43 -28.10 -12.07 6.38
N CYS A 44 -29.07 -12.46 7.23
CA CYS A 44 -30.22 -13.23 6.76
C CYS A 44 -31.03 -12.57 5.62
N LYS A 45 -31.14 -11.23 5.60
CA LYS A 45 -31.87 -10.50 4.55
C LYS A 45 -31.28 -10.64 3.16
N SER A 46 -29.95 -10.69 3.05
CA SER A 46 -29.27 -10.82 1.76
C SER A 46 -29.60 -12.16 1.07
N TYR A 47 -29.91 -13.19 1.84
CA TYR A 47 -30.26 -14.49 1.30
C TYR A 47 -31.76 -14.82 1.41
N SER A 48 -32.60 -13.82 1.78
CA SER A 48 -34.06 -13.94 1.96
C SER A 48 -34.40 -15.15 2.83
N SER A 49 -33.66 -15.30 3.95
CA SER A 49 -33.87 -16.46 4.81
C SER A 49 -34.12 -16.13 6.26
N CYS A 50 -34.44 -14.86 6.58
CA CYS A 50 -34.76 -14.49 7.96
C CYS A 50 -36.02 -15.20 8.43
N CYS A 51 -36.13 -15.42 9.73
CA CYS A 51 -37.35 -15.95 10.31
C CYS A 51 -38.44 -14.83 10.20
N HIS A 52 -39.72 -15.21 10.29
CA HIS A 52 -40.84 -14.28 10.11
C HIS A 52 -40.82 -13.09 11.07
N ASP A 53 -40.28 -13.27 12.28
CA ASP A 53 -40.27 -12.20 13.26
C ASP A 53 -38.90 -11.54 13.45
N PHE A 54 -37.98 -11.73 12.51
CA PHE A 54 -36.65 -11.13 12.63
C PHE A 54 -36.72 -9.59 12.69
N ASP A 55 -37.53 -8.97 11.82
CA ASP A 55 -37.65 -7.51 11.83
C ASP A 55 -38.31 -6.98 13.10
N GLU A 56 -39.29 -7.73 13.64
CA GLU A 56 -39.98 -7.31 14.86
C GLU A 56 -39.10 -7.47 16.12
N LEU A 57 -38.55 -8.64 16.35
CA LEU A 57 -37.74 -8.92 17.52
C LEU A 57 -36.30 -8.39 17.47
N CYS A 58 -35.63 -8.47 16.32
CA CYS A 58 -34.21 -8.10 16.21
C CYS A 58 -33.93 -6.66 15.71
N LEU A 59 -34.85 -6.06 14.97
CA LEU A 59 -34.63 -4.70 14.45
C LEU A 59 -35.56 -3.70 15.12
N LYS A 60 -35.80 -3.88 16.42
CA LYS A 60 -36.66 -3.00 17.18
C LYS A 60 -36.01 -1.64 17.35
N THR A 61 -36.83 -0.60 17.28
CA THR A 61 -36.38 0.78 17.40
C THR A 61 -37.13 1.58 18.48
N ALA A 62 -38.19 1.00 19.10
CA ALA A 62 -39.02 1.67 20.08
C ALA A 62 -38.24 2.38 21.18
N ARG A 63 -38.57 3.66 21.40
CA ARG A 63 -38.01 4.56 22.42
C ARG A 63 -36.54 4.95 22.16
N GLY A 64 -36.04 4.69 20.96
CA GLY A 64 -34.69 5.11 20.58
C GLY A 64 -33.55 4.36 21.22
N TRP A 65 -32.37 5.00 21.23
CA TRP A 65 -31.12 4.41 21.66
C TRP A 65 -30.51 4.95 22.94
N GLU A 66 -31.17 5.91 23.58
CA GLU A 66 -30.63 6.53 24.78
C GLU A 66 -31.60 6.45 25.92
N CYS A 67 -31.06 6.18 27.11
CA CYS A 67 -31.82 6.21 28.35
C CYS A 67 -32.07 7.67 28.71
N THR A 68 -33.21 7.95 29.31
CA THR A 68 -33.54 9.27 29.82
C THR A 68 -33.85 9.11 31.31
N LYS A 69 -33.83 10.21 32.08
CA LYS A 69 -34.10 10.15 33.53
C LYS A 69 -35.40 9.43 33.88
N ASP A 70 -36.50 9.72 33.15
CA ASP A 70 -37.80 9.09 33.37
C ASP A 70 -37.84 7.58 33.11
N ARG A 71 -36.88 7.07 32.33
CA ARG A 71 -36.81 5.65 32.01
C ARG A 71 -36.07 4.82 33.07
N CYS A 72 -35.24 5.47 33.91
CA CYS A 72 -34.45 4.77 34.93
C CYS A 72 -35.29 3.94 35.89
N GLY A 73 -34.88 2.68 36.08
CA GLY A 73 -35.57 1.76 36.97
C GLY A 73 -36.86 1.18 36.41
N GLU A 74 -36.74 0.30 35.39
CA GLU A 74 -37.86 -0.40 34.76
C GLU A 74 -39.02 0.51 34.37
N ARG A 76 -39.66 -2.91 32.66
CA ARG A 76 -38.94 -3.49 31.54
C ARG A 76 -39.92 -3.90 30.47
N ASN A 77 -39.66 -3.48 29.24
CA ASN A 77 -40.52 -3.81 28.12
C ASN A 77 -39.63 -4.37 27.00
N GLU A 78 -39.79 -5.67 26.66
CA GLU A 78 -38.99 -6.33 25.62
C GLU A 78 -39.10 -5.66 24.24
N GLU A 79 -40.14 -4.82 24.03
CA GLU A 79 -40.35 -4.07 22.80
C GLU A 79 -39.32 -2.95 22.59
N ASN A 80 -38.68 -2.48 23.68
CA ASN A 80 -37.69 -1.39 23.63
C ASN A 80 -36.44 -1.76 22.85
N ALA A 81 -35.89 -0.81 22.07
CA ALA A 81 -34.66 -1.03 21.29
C ALA A 81 -33.50 -1.40 22.22
N CYS A 82 -33.40 -0.72 23.37
CA CYS A 82 -32.43 -1.02 24.43
C CYS A 82 -33.08 -0.70 25.80
N HIS A 83 -32.49 -1.17 26.92
CA HIS A 83 -33.16 -1.07 28.22
C HIS A 83 -32.48 -0.18 29.27
N CYS A 84 -33.31 0.38 30.17
CA CYS A 84 -32.91 1.23 31.28
C CYS A 84 -33.38 0.63 32.62
N SER A 85 -33.44 -0.72 32.70
CA SER A 85 -33.87 -1.49 33.85
C SER A 85 -32.68 -1.92 34.71
N GLU A 86 -32.89 -2.15 36.02
CA GLU A 86 -31.83 -2.59 36.94
C GLU A 86 -31.18 -3.90 36.47
N ASP A 87 -31.97 -4.79 35.89
CA ASP A 87 -31.48 -6.07 35.39
C ASP A 87 -30.74 -5.97 34.03
N CYS A 88 -30.75 -4.80 33.38
CA CYS A 88 -30.11 -4.64 32.07
C CYS A 88 -28.59 -4.88 32.10
N LEU A 89 -27.95 -4.62 33.24
CA LEU A 89 -26.50 -4.85 33.38
C LEU A 89 -26.18 -6.34 33.32
N SER A 90 -27.03 -7.19 33.92
CA SER A 90 -26.83 -8.63 33.88
C SER A 90 -27.16 -9.18 32.49
N ARG A 91 -28.26 -8.73 31.91
CA ARG A 91 -28.68 -9.17 30.58
C ARG A 91 -27.71 -8.73 29.45
N GLY A 92 -26.97 -7.65 29.68
CA GLY A 92 -26.03 -7.12 28.71
C GLY A 92 -26.73 -6.38 27.57
N ASP A 93 -27.91 -5.80 27.87
CA ASP A 93 -28.68 -5.08 26.85
C ASP A 93 -29.13 -3.68 27.27
N CYS A 94 -28.33 -2.98 28.11
CA CYS A 94 -28.64 -1.61 28.49
C CYS A 94 -28.41 -0.73 27.27
N CYS A 95 -29.04 0.46 27.24
CA CYS A 95 -28.64 1.50 26.28
C CYS A 95 -27.21 1.94 26.73
N THR A 96 -26.31 2.26 25.79
CA THR A 96 -24.92 2.57 26.13
C THR A 96 -24.74 3.68 27.20
N ASN A 97 -25.71 4.61 27.34
CA ASN A 97 -25.59 5.70 28.33
C ASN A 97 -26.30 5.41 29.68
N TYR A 98 -26.80 4.18 29.87
CA TYR A 98 -27.51 3.77 31.09
C TYR A 98 -26.80 4.18 32.39
N GLN A 99 -25.53 3.80 32.57
CA GLN A 99 -24.80 4.11 33.81
C GLN A 99 -24.68 5.61 34.02
N VAL A 100 -24.45 6.37 32.95
CA VAL A 100 -24.31 7.82 33.01
C VAL A 100 -25.61 8.48 33.47
N VAL A 101 -26.74 8.11 32.87
CA VAL A 101 -28.03 8.73 33.17
C VAL A 101 -28.67 8.21 34.46
N CYS A 102 -28.59 6.91 34.73
CA CYS A 102 -29.26 6.30 35.86
C CYS A 102 -28.37 6.05 37.09
N LYS A 103 -27.06 5.90 36.93
CA LYS A 103 -26.19 5.57 38.06
C LYS A 103 -25.10 6.60 38.38
N GLY A 104 -25.27 7.82 37.89
CA GLY A 104 -24.31 8.90 38.16
C GLY A 104 -22.89 8.70 37.67
N GLU A 105 -22.71 7.91 36.61
CA GLU A 105 -21.38 7.66 36.06
C GLU A 105 -21.01 8.72 35.00
N SER A 106 -19.73 8.84 34.68
CA SER A 106 -19.30 9.78 33.67
C SER A 106 -19.18 9.11 32.31
N HIS A 107 -19.32 9.89 31.23
CA HIS A 107 -19.07 9.37 29.89
C HIS A 107 -17.56 9.07 29.80
N TRP A 108 -17.19 8.05 29.01
CA TRP A 108 -15.79 7.72 28.81
C TRP A 108 -14.96 8.92 28.34
N VAL A 109 -15.49 9.74 27.42
CA VAL A 109 -14.75 10.90 26.89
C VAL A 109 -14.46 11.98 27.94
N ASP A 110 -15.22 12.01 29.03
CA ASP A 110 -14.98 12.97 30.09
C ASP A 110 -13.93 12.49 31.11
N ASP A 111 -13.55 11.22 31.07
CA ASP A 111 -12.54 10.68 31.97
C ASP A 111 -11.17 10.99 31.43
N ASP A 112 -10.25 11.23 32.36
CA ASP A 112 -8.88 11.50 31.98
C ASP A 112 -8.23 10.26 31.42
N CYS A 113 -7.29 10.50 30.51
CA CYS A 113 -6.55 9.40 29.95
CA CYS A 113 -6.52 9.47 29.85
C CYS A 113 -5.60 8.84 30.92
N GLU A 114 -5.68 7.53 31.08
CA GLU A 114 -4.85 6.84 32.05
C GLU A 114 -4.15 5.73 31.30
N GLU A 115 -2.82 5.69 31.41
CA GLU A 115 -2.02 4.67 30.74
C GLU A 115 -2.48 3.24 31.08
N ILE A 116 -2.55 2.38 30.09
CA ILE A 116 -2.95 0.98 30.26
C ILE A 116 -1.67 0.16 30.10
N ARG A 117 -0.94 -0.06 31.19
CA ARG A 117 0.31 -0.80 31.16
C ARG A 117 0.08 -2.29 30.90
N VAL A 118 -0.99 -2.84 31.44
CA VAL A 118 -1.37 -4.24 31.22
C VAL A 118 -2.88 -4.34 30.99
N PRO A 119 -3.35 -5.38 30.29
CA PRO A 119 -4.81 -5.51 30.09
C PRO A 119 -5.54 -5.68 31.42
N GLU A 120 -6.60 -4.91 31.66
CA GLU A 120 -7.39 -5.04 32.87
C GLU A 120 -8.71 -5.63 32.41
N CYS A 121 -8.76 -6.95 32.39
CA CYS A 121 -9.92 -7.67 31.86
C CYS A 121 -10.69 -8.37 32.95
N PRO A 122 -12.03 -8.47 32.83
CA PRO A 122 -12.78 -9.23 33.83
C PRO A 122 -12.37 -10.70 33.76
N ALA A 123 -12.71 -11.50 34.79
CA ALA A 123 -12.35 -12.92 34.78
C ALA A 123 -12.96 -13.64 33.57
N GLY A 124 -12.16 -14.49 32.95
CA GLY A 124 -12.63 -15.24 31.79
C GLY A 124 -12.12 -14.74 30.46
N PHE A 125 -11.54 -13.53 30.43
CA PHE A 125 -10.99 -12.98 29.20
C PHE A 125 -9.53 -13.43 29.14
N VAL A 126 -9.20 -14.40 28.27
CA VAL A 126 -7.83 -14.93 28.20
C VAL A 126 -6.89 -13.97 27.48
N ARG A 127 -7.40 -13.26 26.50
CA ARG A 127 -6.63 -12.29 25.75
C ARG A 127 -7.50 -11.04 25.50
N PRO A 128 -6.86 -9.89 25.27
CA PRO A 128 -7.63 -8.67 25.01
C PRO A 128 -8.35 -8.73 23.65
N PRO A 129 -9.67 -8.53 23.64
CA PRO A 129 -10.39 -8.51 22.36
C PRO A 129 -9.93 -7.35 21.47
N LEU A 130 -10.18 -7.49 20.18
CA LEU A 130 -9.86 -6.49 19.21
C LEU A 130 -11.13 -6.03 18.53
N ILE A 131 -11.33 -4.71 18.45
CA ILE A 131 -12.43 -4.11 17.72
C ILE A 131 -11.87 -3.21 16.65
N ILE A 132 -12.20 -3.52 15.41
CA ILE A 132 -11.79 -2.70 14.28
C ILE A 132 -12.98 -1.81 13.94
N PHE A 133 -12.85 -0.51 14.13
CA PHE A 133 -13.90 0.44 13.84
C PHE A 133 -13.49 1.14 12.53
N SER A 134 -14.06 0.70 11.42
CA SER A 134 -13.72 1.22 10.10
C SER A 134 -14.73 2.26 9.63
N VAL A 135 -14.21 3.34 9.03
CA VAL A 135 -14.98 4.47 8.54
C VAL A 135 -14.67 4.70 7.06
N ASP A 136 -15.72 4.75 6.26
CA ASP A 136 -15.60 4.89 4.83
C ASP A 136 -15.33 6.34 4.46
N GLY A 137 -14.35 6.57 3.61
CA GLY A 137 -14.02 7.91 3.11
C GLY A 137 -13.55 8.91 4.15
N PHE A 138 -12.92 8.43 5.23
CA PHE A 138 -12.44 9.32 6.28
C PHE A 138 -11.05 9.83 5.95
N ARG A 139 -11.03 11.00 5.33
CA ARG A 139 -9.83 11.67 4.96
C ARG A 139 -8.98 12.05 6.22
N ALA A 140 -7.64 11.89 6.12
CA ALA A 140 -6.70 12.17 7.22
C ALA A 140 -6.87 13.54 7.83
N SER A 141 -7.05 14.57 7.00
CA SER A 141 -7.17 15.94 7.50
C SER A 141 -8.44 16.16 8.31
N TYR A 142 -9.44 15.25 8.25
CA TYR A 142 -10.64 15.41 9.10
C TYR A 142 -10.26 15.31 10.59
N MET A 143 -9.15 14.63 10.91
CA MET A 143 -8.65 14.58 12.28
C MET A 143 -8.21 15.90 12.84
N LYS A 144 -7.89 16.89 11.98
CA LYS A 144 -7.47 18.21 12.45
C LYS A 144 -8.60 19.03 13.05
N LYS A 145 -9.88 18.67 12.78
CA LYS A 145 -11.04 19.34 13.36
C LYS A 145 -11.02 19.31 14.89
N GLY A 146 -10.48 18.21 15.44
CA GLY A 146 -10.27 18.08 16.88
C GLY A 146 -11.47 17.80 17.73
N SER A 147 -11.29 17.93 19.06
CA SER A 147 -12.31 17.68 20.09
C SER A 147 -13.53 18.61 20.01
N LYS A 148 -13.47 19.64 19.17
CA LYS A 148 -14.59 20.54 18.96
C LYS A 148 -15.70 19.78 18.25
N VAL A 149 -15.34 19.04 17.20
CA VAL A 149 -16.30 18.27 16.42
C VAL A 149 -16.28 16.79 16.82
N MET A 150 -15.09 16.23 17.11
CA MET A 150 -14.96 14.81 17.41
C MET A 150 -14.18 14.51 18.72
N PRO A 151 -14.78 14.72 19.91
CA PRO A 151 -14.00 14.53 21.15
C PRO A 151 -13.65 13.09 21.53
N ASN A 152 -14.52 12.13 21.24
CA ASN A 152 -14.24 10.73 21.56
C ASN A 152 -13.07 10.24 20.68
N ILE A 153 -13.09 10.58 19.40
CA ILE A 153 -12.02 10.22 18.46
C ILE A 153 -10.72 10.96 18.82
N GLU A 154 -10.82 12.22 19.30
CA GLU A 154 -9.63 12.96 19.73
C GLU A 154 -9.00 12.30 20.97
N LYS A 155 -9.82 11.76 21.86
CA LYS A 155 -9.30 11.08 23.05
C LYS A 155 -8.55 9.81 22.65
N LEU A 156 -9.13 8.99 21.77
CA LEU A 156 -8.46 7.78 21.25
C LEU A 156 -7.12 8.15 20.60
N ARG A 157 -7.13 9.20 19.76
CA ARG A 157 -5.97 9.65 19.01
C ARG A 157 -4.82 10.16 19.90
N SER A 158 -5.12 11.05 20.83
CA SER A 158 -4.09 11.63 21.68
C SER A 158 -3.58 10.71 22.80
N CYS A 159 -4.43 9.82 23.29
CA CYS A 159 -4.02 8.96 24.38
CA CYS A 159 -4.16 8.90 24.41
C CYS A 159 -3.49 7.60 23.96
N GLY A 160 -3.82 7.16 22.75
CA GLY A 160 -3.27 5.94 22.20
C GLY A 160 -2.12 6.22 21.24
N THR A 161 -2.04 5.42 20.18
CA THR A 161 -1.05 5.50 19.13
C THR A 161 -1.75 5.95 17.85
N HIS A 162 -1.18 6.91 17.15
CA HIS A 162 -1.77 7.38 15.90
C HIS A 162 -0.67 7.71 14.91
N ALA A 163 -1.01 7.70 13.63
CA ALA A 163 -0.11 8.16 12.59
C ALA A 163 -0.75 9.43 12.05
N PRO A 164 0.02 10.40 11.51
CA PRO A 164 -0.62 11.59 10.92
C PRO A 164 -1.56 11.22 9.77
N TYR A 165 -1.27 10.09 9.10
CA TYR A 165 -2.09 9.53 8.03
C TYR A 165 -1.63 8.14 7.68
N MET A 166 -2.52 7.40 7.03
CA MET A 166 -2.25 6.05 6.57
C MET A 166 -2.45 6.04 5.08
N ARG A 167 -1.53 5.40 4.36
CA ARG A 167 -1.65 5.30 2.92
C ARG A 167 -2.57 4.15 2.54
N PRO A 168 -3.59 4.40 1.71
CA PRO A 168 -4.42 3.30 1.20
C PRO A 168 -3.72 2.57 0.02
N VAL A 169 -4.34 1.51 -0.54
CA VAL A 169 -3.85 0.88 -1.76
C VAL A 169 -4.59 1.51 -2.96
N TYR A 170 -4.04 1.33 -4.16
CA TYR A 170 -4.66 1.77 -5.40
C TYR A 170 -5.44 0.59 -5.95
N PRO A 171 -6.65 0.79 -6.52
CA PRO A 171 -7.43 2.05 -6.60
C PRO A 171 -7.92 2.44 -5.21
N THR A 172 -7.96 3.73 -4.88
CA THR A 172 -8.39 4.18 -3.56
C THR A 172 -9.91 4.19 -3.42
N LYS A 173 -10.51 2.98 -3.57
CA LYS A 173 -11.94 2.69 -3.50
C LYS A 173 -12.20 1.81 -2.30
N THR A 174 -13.47 1.69 -1.90
CA THR A 174 -13.87 0.96 -0.72
C THR A 174 -13.52 -0.54 -0.72
N PHE A 175 -13.97 -1.29 -1.74
CA PHE A 175 -13.79 -2.75 -1.76
C PHE A 175 -12.33 -3.18 -1.81
N PRO A 176 -11.46 -2.59 -2.66
CA PRO A 176 -10.04 -3.00 -2.63
C PRO A 176 -9.37 -2.70 -1.30
N ASN A 177 -9.71 -1.56 -0.66
CA ASN A 177 -9.08 -1.16 0.57
C ASN A 177 -9.55 -1.89 1.81
N LEU A 178 -10.86 -2.16 1.96
CA LEU A 178 -11.32 -2.94 3.11
C LEU A 178 -10.76 -4.37 3.04
N TYR A 179 -10.71 -4.95 1.83
CA TYR A 179 -10.19 -6.31 1.66
C TYR A 179 -8.69 -6.38 1.86
N THR A 180 -7.97 -5.31 1.47
CA THR A 180 -6.53 -5.22 1.74
C THR A 180 -6.31 -5.13 3.26
N LEU A 181 -7.14 -4.34 3.96
CA LEU A 181 -7.04 -4.21 5.42
C LEU A 181 -7.23 -5.59 6.09
N ALA A 182 -8.15 -6.38 5.55
CA ALA A 182 -8.47 -7.71 6.03
C ALA A 182 -7.39 -8.78 5.73
N THR A 183 -6.66 -8.68 4.62
CA THR A 183 -5.75 -9.74 4.17
C THR A 183 -4.26 -9.42 4.17
N GLY A 184 -3.91 -8.15 4.21
CA GLY A 184 -2.54 -7.68 4.09
C GLY A 184 -2.00 -7.85 2.68
N LEU A 185 -2.91 -7.99 1.68
CA LEU A 185 -2.48 -8.21 0.33
C LEU A 185 -2.78 -7.02 -0.56
N TYR A 186 -1.99 -6.89 -1.62
CA TYR A 186 -2.31 -5.91 -2.66
C TYR A 186 -3.59 -6.40 -3.38
N PRO A 187 -4.41 -5.48 -3.89
CA PRO A 187 -5.58 -5.91 -4.68
C PRO A 187 -5.28 -6.90 -5.83
N GLU A 188 -4.11 -6.77 -6.50
CA GLU A 188 -3.78 -7.72 -7.59
C GLU A 188 -3.64 -9.18 -7.04
N SER A 189 -3.32 -9.35 -5.74
CA SER A 189 -3.19 -10.68 -5.14
C SER A 189 -4.51 -11.17 -4.53
N HIS A 190 -5.27 -10.28 -3.84
CA HIS A 190 -6.52 -10.71 -3.23
C HIS A 190 -7.67 -10.81 -4.26
N GLY A 191 -7.54 -10.15 -5.43
CA GLY A 191 -8.51 -10.27 -6.48
C GLY A 191 -9.59 -9.21 -6.52
N ILE A 192 -9.73 -8.44 -5.43
CA ILE A 192 -10.74 -7.37 -5.42
C ILE A 192 -10.04 -6.13 -5.98
N VAL A 193 -9.88 -6.08 -7.31
CA VAL A 193 -9.09 -5.05 -7.98
C VAL A 193 -9.83 -3.70 -8.21
N GLY A 194 -11.12 -3.68 -7.93
CA GLY A 194 -11.94 -2.48 -8.02
C GLY A 194 -13.28 -2.72 -7.35
N ASN A 195 -14.12 -1.68 -7.28
CA ASN A 195 -15.49 -1.86 -6.82
C ASN A 195 -16.29 -2.61 -7.93
N SER A 196 -15.91 -2.41 -9.22
CA SER A 196 -16.44 -3.09 -10.41
C SER A 196 -15.29 -3.81 -11.07
N MET A 197 -15.55 -5.03 -11.56
CA MET A 197 -14.53 -5.79 -12.27
C MET A 197 -15.12 -6.83 -13.20
N TYR A 198 -14.44 -7.09 -14.31
CA TYR A 198 -14.84 -8.13 -15.24
C TYR A 198 -13.75 -9.22 -15.18
N ASP A 199 -14.15 -10.47 -14.96
CA ASP A 199 -13.21 -11.57 -14.93
C ASP A 199 -13.48 -12.35 -16.20
N PRO A 200 -12.49 -12.42 -17.11
CA PRO A 200 -12.72 -13.12 -18.38
C PRO A 200 -12.85 -14.65 -18.29
N VAL A 201 -12.34 -15.27 -17.23
CA VAL A 201 -12.46 -16.74 -17.05
C VAL A 201 -13.87 -17.05 -16.51
N PHE A 202 -14.40 -16.21 -15.59
CA PHE A 202 -15.77 -16.38 -15.12
C PHE A 202 -16.79 -15.90 -16.17
N ASP A 203 -16.38 -14.99 -17.07
CA ASP A 203 -17.21 -14.28 -18.05
C ASP A 203 -18.33 -13.58 -17.28
N ALA A 204 -17.95 -12.88 -16.22
CA ALA A 204 -18.91 -12.29 -15.30
C ALA A 204 -18.36 -10.99 -14.77
N THR A 205 -19.28 -10.12 -14.33
CA THR A 205 -18.96 -8.81 -13.78
C THR A 205 -19.38 -8.73 -12.31
N PHE A 206 -18.45 -8.28 -11.48
CA PHE A 206 -18.64 -8.05 -10.07
C PHE A 206 -18.99 -6.55 -9.95
N HIS A 207 -19.97 -6.20 -9.14
CA HIS A 207 -20.36 -4.81 -8.96
C HIS A 207 -20.95 -4.64 -7.55
N LEU A 208 -20.89 -3.40 -6.99
CA LEU A 208 -21.41 -3.07 -5.66
C LEU A 208 -22.85 -3.54 -5.48
N ARG A 209 -23.66 -3.35 -6.51
CA ARG A 209 -25.01 -3.88 -6.53
C ARG A 209 -24.92 -5.22 -7.29
N GLY A 210 -25.83 -6.13 -6.99
CA GLY A 210 -25.81 -7.44 -7.65
C GLY A 210 -25.38 -8.56 -6.73
N ARG A 211 -25.67 -9.78 -7.15
CA ARG A 211 -25.43 -11.02 -6.41
C ARG A 211 -24.02 -11.60 -6.56
N GLU A 212 -23.33 -11.23 -7.62
CA GLU A 212 -22.00 -11.76 -7.94
C GLU A 212 -21.00 -11.63 -6.78
N LYS A 213 -21.03 -10.48 -6.04
CA LYS A 213 -20.15 -10.21 -4.92
C LYS A 213 -20.27 -11.21 -3.75
N PHE A 214 -21.41 -11.89 -3.66
CA PHE A 214 -21.63 -12.87 -2.63
C PHE A 214 -20.91 -14.19 -2.91
N ASN A 215 -20.49 -14.45 -4.16
CA ASN A 215 -19.79 -15.70 -4.52
C ASN A 215 -18.35 -15.61 -4.05
N HIS A 216 -17.93 -16.61 -3.25
CA HIS A 216 -16.58 -16.68 -2.68
C HIS A 216 -15.48 -16.74 -3.73
N ARG A 217 -15.79 -17.16 -4.97
CA ARG A 217 -14.78 -17.25 -6.02
C ARG A 217 -14.04 -15.94 -6.29
N TRP A 218 -14.64 -14.78 -5.97
CA TRP A 218 -13.96 -13.49 -6.22
C TRP A 218 -12.92 -13.13 -5.20
N TRP A 219 -13.12 -13.63 -3.96
CA TRP A 219 -12.38 -13.24 -2.77
C TRP A 219 -11.18 -14.15 -2.47
N GLY A 220 -9.98 -13.71 -2.84
CA GLY A 220 -8.77 -14.49 -2.64
C GLY A 220 -8.06 -14.23 -1.33
N GLY A 221 -6.89 -14.81 -1.17
CA GLY A 221 -6.09 -14.66 0.04
C GLY A 221 -6.81 -15.19 1.26
N GLN A 222 -6.34 -14.82 2.44
CA GLN A 222 -6.97 -15.26 3.67
C GLN A 222 -7.30 -14.08 4.57
N PRO A 223 -8.57 -13.67 4.61
CA PRO A 223 -8.93 -12.53 5.48
C PRO A 223 -8.85 -12.88 6.96
N LEU A 224 -8.70 -11.83 7.80
CA LEU A 224 -8.53 -11.95 9.26
C LEU A 224 -9.55 -12.87 9.97
N TRP A 225 -10.83 -12.84 9.58
CA TRP A 225 -11.84 -13.70 10.24
C TRP A 225 -11.58 -15.19 9.95
N ILE A 226 -11.06 -15.49 8.76
CA ILE A 226 -10.70 -16.86 8.39
C ILE A 226 -9.41 -17.26 9.10
N THR A 227 -8.39 -16.37 9.13
CA THR A 227 -7.13 -16.66 9.85
C THR A 227 -7.43 -16.98 11.32
N ALA A 228 -8.34 -16.21 11.91
CA ALA A 228 -8.74 -16.38 13.29
C ALA A 228 -9.47 -17.69 13.47
N THR A 229 -10.49 -18.00 12.67
CA THR A 229 -11.28 -19.24 12.80
C THR A 229 -10.43 -20.51 12.59
N LYS A 230 -9.56 -20.49 11.56
CA LYS A 230 -8.70 -21.64 11.29
C LYS A 230 -7.73 -21.92 12.45
N GLN A 231 -7.38 -20.87 13.27
CA GLN A 231 -6.49 -21.02 14.42
C GLN A 231 -7.22 -21.05 15.78
N GLY A 232 -8.50 -21.34 15.77
CA GLY A 232 -9.31 -21.48 16.97
C GLY A 232 -9.66 -20.20 17.72
N VAL A 233 -9.67 -19.05 17.05
CA VAL A 233 -10.03 -17.78 17.69
C VAL A 233 -11.36 -17.35 17.05
N ARG A 234 -12.43 -17.10 17.84
CA ARG A 234 -13.75 -16.76 17.26
C ARG A 234 -13.86 -15.32 16.76
N ALA A 235 -14.65 -15.10 15.71
CA ALA A 235 -14.83 -13.75 15.16
C ALA A 235 -16.28 -13.34 15.13
N GLY A 236 -16.53 -12.07 15.39
CA GLY A 236 -17.85 -11.48 15.16
C GLY A 236 -18.01 -11.22 13.66
N THR A 237 -19.18 -10.73 13.21
CA THR A 237 -19.37 -10.43 11.79
C THR A 237 -18.49 -9.29 11.28
N PHE A 238 -18.00 -9.44 10.07
CA PHE A 238 -17.24 -8.35 9.42
C PHE A 238 -18.04 -7.76 8.26
N PHE A 239 -19.35 -8.07 8.12
CA PHE A 239 -20.14 -7.53 7.02
C PHE A 239 -21.47 -7.05 7.55
N TRP A 240 -21.69 -5.75 7.58
CA TRP A 240 -22.94 -5.20 8.12
C TRP A 240 -23.84 -4.65 7.02
N SER A 241 -25.02 -5.24 6.87
CA SER A 241 -25.97 -4.73 5.90
C SER A 241 -26.48 -3.36 6.30
N VAL A 242 -26.80 -2.56 5.30
CA VAL A 242 -27.31 -1.22 5.40
C VAL A 242 -28.67 -1.17 6.13
N SER A 243 -29.40 -2.31 6.27
CA SER A 243 -30.66 -2.26 7.04
C SER A 243 -30.44 -2.39 8.56
N ILE A 244 -29.18 -2.34 9.04
CA ILE A 244 -28.91 -2.38 10.48
C ILE A 244 -28.38 -1.04 10.93
N PRO A 245 -29.14 -0.24 11.72
CA PRO A 245 -28.61 1.08 12.14
C PRO A 245 -27.31 0.96 12.93
N HIS A 246 -26.47 1.98 12.89
CA HIS A 246 -25.19 1.98 13.57
C HIS A 246 -25.30 1.70 15.06
N GLU A 247 -26.33 2.25 15.70
CA GLU A 247 -26.56 2.07 17.13
C GLU A 247 -26.76 0.58 17.47
N ARG A 248 -27.49 -0.12 16.59
CA ARG A 248 -27.75 -1.55 16.70
C ARG A 248 -26.46 -2.35 16.43
N ARG A 249 -25.58 -1.87 15.52
CA ARG A 249 -24.30 -2.55 15.27
C ARG A 249 -23.45 -2.49 16.54
N ILE A 250 -23.43 -1.33 17.21
CA ILE A 250 -22.71 -1.15 18.46
C ILE A 250 -23.32 -2.04 19.56
N LEU A 251 -24.64 -1.96 19.77
CA LEU A 251 -25.33 -2.78 20.75
C LEU A 251 -25.13 -4.30 20.51
N THR A 252 -25.06 -4.73 19.24
CA THR A 252 -24.82 -6.12 18.88
C THR A 252 -23.38 -6.54 19.27
N ILE A 253 -22.39 -5.67 19.01
CA ILE A 253 -21.01 -5.97 19.41
C ILE A 253 -20.91 -6.08 20.93
N LEU A 254 -21.61 -5.18 21.66
CA LEU A 254 -21.60 -5.21 23.12
C LEU A 254 -22.26 -6.47 23.65
N GLN A 255 -23.36 -6.87 23.00
CA GLN A 255 -24.10 -8.09 23.34
C GLN A 255 -23.20 -9.31 23.15
N TRP A 256 -22.46 -9.37 22.05
CA TRP A 256 -21.55 -10.50 21.79
C TRP A 256 -20.42 -10.53 22.82
N LEU A 257 -19.92 -9.36 23.25
CA LEU A 257 -18.86 -9.30 24.27
C LEU A 257 -19.31 -9.81 25.65
N SER A 258 -20.63 -9.88 25.87
CA SER A 258 -21.25 -10.35 27.08
C SER A 258 -21.60 -11.86 27.00
N LEU A 259 -21.25 -12.55 25.90
CA LEU A 259 -21.56 -13.97 25.75
C LEU A 259 -20.68 -14.82 26.68
N PRO A 260 -21.08 -16.09 26.96
CA PRO A 260 -20.20 -16.99 27.75
C PRO A 260 -18.80 -17.14 27.14
N ASP A 261 -17.81 -17.47 27.97
CA ASP A 261 -16.40 -17.68 27.58
C ASP A 261 -16.24 -18.58 26.33
N ASN A 262 -16.97 -19.70 26.25
CA ASN A 262 -16.84 -20.60 25.12
C ASN A 262 -17.58 -20.16 23.84
N GLU A 263 -18.29 -19.04 23.89
CA GLU A 263 -19.02 -18.52 22.72
C GLU A 263 -18.55 -17.15 22.26
N ARG A 264 -18.00 -16.37 23.18
CA ARG A 264 -17.61 -15.00 22.92
C ARG A 264 -16.48 -14.85 21.90
N PRO A 265 -16.68 -14.03 20.85
CA PRO A 265 -15.60 -13.78 19.90
C PRO A 265 -14.45 -12.96 20.48
N SER A 266 -13.28 -13.04 19.85
CA SER A 266 -12.14 -12.21 20.26
C SER A 266 -11.90 -11.06 19.29
N VAL A 267 -12.44 -11.12 18.06
CA VAL A 267 -12.25 -10.05 17.10
C VAL A 267 -13.59 -9.58 16.56
N TYR A 268 -13.79 -8.26 16.47
CA TYR A 268 -15.02 -7.61 16.02
C TYR A 268 -14.70 -6.55 15.01
N ALA A 269 -15.68 -6.24 14.17
CA ALA A 269 -15.55 -5.17 13.21
C ALA A 269 -16.82 -4.35 13.23
N PHE A 270 -16.66 -3.03 13.11
CA PHE A 270 -17.73 -2.08 12.96
C PHE A 270 -17.45 -1.39 11.61
N TYR A 271 -18.50 -1.11 10.84
CA TYR A 271 -18.34 -0.40 9.57
C TYR A 271 -19.32 0.73 9.47
N SER A 272 -18.83 1.91 9.04
CA SER A 272 -19.70 3.04 8.79
C SER A 272 -19.53 3.51 7.33
N GLU A 273 -20.67 3.65 6.61
CA GLU A 273 -20.75 4.18 5.26
C GLU A 273 -20.45 5.70 5.22
N GLN A 274 -20.41 6.37 6.39
CA GLN A 274 -20.08 7.80 6.53
C GLN A 274 -18.63 7.93 7.04
N PRO A 275 -17.91 9.03 6.72
CA PRO A 275 -18.36 10.25 5.99
C PRO A 275 -18.34 10.18 4.48
N ASP A 276 -18.04 9.02 3.90
CA ASP A 276 -17.99 8.84 2.45
C ASP A 276 -19.28 9.28 1.75
N PHE A 277 -20.43 8.87 2.27
CA PHE A 277 -21.71 9.22 1.64
C PHE A 277 -21.90 10.74 1.49
N SER A 278 -21.69 11.47 2.57
CA SER A 278 -21.81 12.92 2.57
C SER A 278 -20.65 13.61 1.84
N GLY A 279 -19.48 13.00 1.86
CA GLY A 279 -18.31 13.50 1.13
C GLY A 279 -18.55 13.49 -0.37
N HIS A 280 -19.22 12.44 -0.89
CA HIS A 280 -19.50 12.37 -2.33
C HIS A 280 -20.48 13.47 -2.77
N LYS A 281 -21.47 13.74 -1.94
CA LYS A 281 -22.50 14.70 -2.23
C LYS A 281 -22.04 16.14 -2.04
N TYR A 282 -21.26 16.41 -0.98
CA TYR A 282 -20.92 17.79 -0.65
C TYR A 282 -19.47 18.20 -0.82
N GLY A 283 -18.59 17.25 -1.07
CA GLY A 283 -17.16 17.52 -1.15
C GLY A 283 -16.55 17.34 0.23
N PRO A 284 -15.23 17.15 0.29
CA PRO A 284 -14.59 16.94 1.60
C PRO A 284 -14.59 18.15 2.52
N PHE A 285 -14.70 19.35 1.97
CA PHE A 285 -14.69 20.56 2.78
C PHE A 285 -16.02 21.29 2.83
N GLY A 286 -17.10 20.66 2.40
CA GLY A 286 -18.41 21.28 2.46
C GLY A 286 -18.83 21.49 3.90
N PRO A 287 -19.49 22.61 4.20
CA PRO A 287 -19.96 22.83 5.59
C PRO A 287 -20.88 21.72 6.08
N GLU A 288 -21.57 21.04 5.15
CA GLU A 288 -22.43 19.90 5.44
C GLU A 288 -21.65 18.70 6.02
N MET A 289 -20.31 18.72 6.05
CA MET A 289 -19.53 17.59 6.54
C MET A 289 -19.46 17.47 8.05
N THR A 290 -19.67 18.58 8.76
CA THR A 290 -19.59 18.64 10.21
C THR A 290 -20.54 17.69 10.91
N ASN A 291 -21.81 17.65 10.49
CA ASN A 291 -22.81 16.80 11.15
C ASN A 291 -22.49 15.30 11.01
N PRO A 292 -22.22 14.75 9.81
CA PRO A 292 -21.81 13.34 9.73
C PRO A 292 -20.55 13.03 10.57
N LEU A 293 -19.58 13.97 10.65
CA LEU A 293 -18.40 13.74 11.48
C LEU A 293 -18.74 13.68 12.95
N ARG A 294 -19.67 14.51 13.43
CA ARG A 294 -20.12 14.48 14.83
C ARG A 294 -20.89 13.19 15.12
N GLU A 295 -21.69 12.73 14.16
CA GLU A 295 -22.46 11.49 14.31
C GLU A 295 -21.53 10.27 14.41
N ILE A 296 -20.40 10.27 13.69
CA ILE A 296 -19.41 9.17 13.79
C ILE A 296 -18.78 9.22 15.17
N ASP A 297 -18.45 10.44 15.66
CA ASP A 297 -17.89 10.60 16.98
C ASP A 297 -18.86 10.11 18.06
N LYS A 298 -20.15 10.40 17.93
CA LYS A 298 -21.12 9.92 18.92
C LYS A 298 -21.21 8.39 18.90
N THR A 299 -21.05 7.75 17.73
CA THR A 299 -21.07 6.29 17.63
C THR A 299 -19.85 5.71 18.37
N VAL A 300 -18.69 6.35 18.23
CA VAL A 300 -17.46 5.95 18.95
C VAL A 300 -17.70 6.06 20.46
N GLY A 301 -18.33 7.17 20.86
CA GLY A 301 -18.68 7.42 22.26
C GLY A 301 -19.59 6.38 22.85
N GLN A 302 -20.59 5.94 22.08
CA GLN A 302 -21.51 4.87 22.46
C GLN A 302 -20.73 3.58 22.67
N LEU A 303 -19.80 3.26 21.76
CA LEU A 303 -18.97 2.06 21.93
C LEU A 303 -18.14 2.14 23.21
N MET A 304 -17.42 3.26 23.43
CA MET A 304 -16.59 3.38 24.62
C MET A 304 -17.41 3.42 25.92
N ASP A 305 -18.60 4.02 25.92
CA ASP A 305 -19.49 4.06 27.10
C ASP A 305 -20.01 2.63 27.39
N GLY A 306 -20.33 1.89 26.32
CA GLY A 306 -20.78 0.52 26.47
C GLY A 306 -19.67 -0.37 26.98
N LEU A 307 -18.41 -0.18 26.49
CA LEU A 307 -17.27 -0.96 26.97
C LEU A 307 -17.00 -0.62 28.44
N LYS A 308 -17.11 0.67 28.82
CA LYS A 308 -16.93 1.10 30.20
C LYS A 308 -17.96 0.47 31.13
N GLN A 309 -19.21 0.41 30.66
CA GLN A 309 -20.33 -0.23 31.34
C GLN A 309 -20.00 -1.74 31.58
N LEU A 310 -19.30 -2.38 30.65
CA LEU A 310 -18.91 -3.78 30.74
C LEU A 310 -17.56 -4.01 31.50
N LYS A 311 -16.90 -2.93 31.96
CA LYS A 311 -15.58 -3.00 32.58
C LYS A 311 -14.53 -3.55 31.59
N LEU A 312 -14.67 -3.19 30.30
CA LEU A 312 -13.78 -3.63 29.22
C LEU A 312 -13.00 -2.48 28.57
N HIS A 313 -13.19 -1.23 29.04
CA HIS A 313 -12.58 -0.04 28.45
C HIS A 313 -11.06 0.00 28.60
N ARG A 314 -10.51 -0.76 29.54
CA ARG A 314 -9.06 -0.88 29.71
C ARG A 314 -8.60 -2.32 29.39
N CYS A 315 -9.36 -3.05 28.56
CA CYS A 315 -9.14 -4.45 28.23
C CYS A 315 -9.07 -4.61 26.72
N VAL A 316 -9.94 -3.93 25.98
CA VAL A 316 -10.08 -4.04 24.54
C VAL A 316 -9.09 -3.14 23.78
N ASN A 317 -8.53 -3.69 22.69
CA ASN A 317 -7.72 -2.92 21.76
C ASN A 317 -8.71 -2.45 20.69
N VAL A 318 -8.73 -1.15 20.41
CA VAL A 318 -9.60 -0.53 19.43
C VAL A 318 -8.78 0.04 18.30
N ILE A 319 -9.12 -0.29 17.06
CA ILE A 319 -8.46 0.31 15.90
C ILE A 319 -9.49 1.19 15.20
N PHE A 320 -9.19 2.49 15.00
CA PHE A 320 -10.07 3.40 14.29
C PHE A 320 -9.34 3.64 12.99
N VAL A 321 -9.88 3.12 11.88
CA VAL A 321 -9.18 3.12 10.62
C VAL A 321 -10.11 3.45 9.45
N GLY A 322 -9.60 4.19 8.45
CA GLY A 322 -10.38 4.50 7.26
C GLY A 322 -9.91 3.69 6.07
N ASP A 323 -10.73 3.64 5.01
CA ASP A 323 -10.36 2.89 3.82
C ASP A 323 -9.63 3.79 2.80
N HIS A 324 -10.01 5.07 2.74
CA HIS A 324 -9.46 6.05 1.80
C HIS A 324 -10.00 7.44 2.15
N GLY A 325 -9.45 8.48 1.50
CA GLY A 325 -9.91 9.85 1.70
C GLY A 325 -10.96 10.24 0.68
N MET A 326 -10.99 11.52 0.36
CA MET A 326 -12.01 12.12 -0.50
C MET A 326 -11.43 13.39 -1.07
N GLU A 327 -11.68 13.61 -2.35
CA GLU A 327 -11.19 14.78 -3.07
C GLU A 327 -12.39 15.57 -3.69
N ASP A 328 -12.20 16.90 -3.96
CA ASP A 328 -13.20 17.71 -4.62
C ASP A 328 -13.19 17.27 -6.08
N VAL A 329 -14.29 16.74 -6.60
CA VAL A 329 -14.42 16.26 -7.97
C VAL A 329 -15.85 16.59 -8.39
N THR A 330 -16.02 17.29 -9.53
CA THR A 330 -17.34 17.66 -10.03
C THR A 330 -17.50 17.26 -11.52
N CYS A 331 -18.75 17.25 -12.02
N CYS A 331 -18.76 17.27 -12.01
CA CYS A 331 -19.08 16.92 -13.41
CA CYS A 331 -19.17 17.01 -13.38
C CYS A 331 -18.48 17.90 -14.43
C CYS A 331 -18.37 17.85 -14.35
N ASP A 332 -18.14 19.13 -13.99
CA ASP A 332 -17.47 20.14 -14.80
C ASP A 332 -16.01 19.79 -15.09
N ARG A 333 -15.42 18.80 -14.37
CA ARG A 333 -14.06 18.40 -14.58
C ARG A 333 -14.01 16.97 -15.09
N THR A 334 -14.60 16.74 -16.27
CA THR A 334 -14.61 15.41 -16.88
C THR A 334 -13.97 15.42 -18.26
N GLU A 335 -13.04 14.49 -18.48
CA GLU A 335 -12.46 14.28 -19.82
C GLU A 335 -13.31 13.19 -20.47
N PHE A 336 -13.53 13.28 -21.79
CA PHE A 336 -14.34 12.30 -22.50
C PHE A 336 -13.52 11.59 -23.56
N LEU A 337 -13.54 10.22 -23.57
CA LEU A 337 -12.75 9.49 -24.60
C LEU A 337 -13.23 9.79 -26.02
N SER A 338 -14.51 10.15 -26.19
CA SER A 338 -15.03 10.49 -27.51
C SER A 338 -14.31 11.71 -28.14
N ASN A 339 -13.56 12.50 -27.34
CA ASN A 339 -12.74 13.60 -27.88
C ASN A 339 -11.40 13.12 -28.44
N TYR A 340 -10.99 11.87 -28.17
CA TYR A 340 -9.72 11.33 -28.62
C TYR A 340 -9.90 10.12 -29.57
N LEU A 341 -10.97 9.34 -29.37
CA LEU A 341 -11.19 8.10 -30.11
C LEU A 341 -12.39 8.17 -31.04
N THR A 342 -12.23 7.60 -32.24
CA THR A 342 -13.28 7.58 -33.25
C THR A 342 -14.44 6.70 -32.79
N ASN A 343 -14.13 5.54 -32.20
CA ASN A 343 -15.17 4.62 -31.80
C ASN A 343 -15.15 4.28 -30.34
N VAL A 344 -16.03 4.90 -29.56
CA VAL A 344 -16.15 4.57 -28.15
C VAL A 344 -17.27 3.55 -27.88
N ASP A 345 -18.05 3.18 -28.92
CA ASP A 345 -19.12 2.19 -28.81
C ASP A 345 -18.54 0.76 -28.85
N ASP A 346 -17.33 0.56 -29.44
CA ASP A 346 -16.67 -0.75 -29.50
C ASP A 346 -15.81 -1.06 -28.25
N ILE A 347 -15.71 -0.12 -27.30
CA ILE A 347 -14.94 -0.35 -26.08
C ILE A 347 -15.83 -0.15 -24.85
N THR A 348 -15.44 -0.78 -23.76
CA THR A 348 -16.06 -0.69 -22.46
C THR A 348 -15.06 0.06 -21.60
N LEU A 349 -15.53 1.05 -20.85
CA LEU A 349 -14.67 1.83 -19.97
C LEU A 349 -15.22 1.75 -18.58
N VAL A 350 -14.38 1.32 -17.61
CA VAL A 350 -14.74 1.41 -16.21
C VAL A 350 -14.35 2.89 -15.93
N PRO A 351 -15.29 3.80 -15.61
CA PRO A 351 -14.95 5.24 -15.58
C PRO A 351 -14.73 5.87 -14.20
N GLY A 352 -14.56 7.20 -14.16
CA GLY A 352 -14.42 7.97 -12.94
C GLY A 352 -13.00 8.41 -12.63
N THR A 353 -12.56 8.14 -11.42
CA THR A 353 -11.24 8.57 -10.94
C THR A 353 -10.07 7.68 -11.39
N LEU A 354 -10.37 6.67 -12.19
CA LEU A 354 -9.48 5.79 -12.90
C LEU A 354 -10.18 5.35 -14.19
N GLY A 355 -9.42 4.85 -15.13
CA GLY A 355 -9.96 4.32 -16.37
C GLY A 355 -9.41 2.94 -16.63
N ARG A 356 -10.27 2.01 -17.03
CA ARG A 356 -9.85 0.67 -17.42
C ARG A 356 -10.60 0.39 -18.69
N ILE A 357 -9.86 0.10 -19.77
CA ILE A 357 -10.46 -0.08 -21.07
C ILE A 357 -10.27 -1.49 -21.63
N ARG A 358 -11.32 -2.01 -22.29
CA ARG A 358 -11.25 -3.31 -22.97
C ARG A 358 -12.30 -3.30 -24.10
N PRO A 359 -12.15 -4.14 -25.14
CA PRO A 359 -13.21 -4.19 -26.18
C PRO A 359 -14.57 -4.62 -25.60
N LYS A 360 -15.70 -4.09 -26.10
CA LYS A 360 -17.02 -4.45 -25.57
C LYS A 360 -17.26 -5.96 -25.66
N ILE A 361 -16.84 -6.56 -26.79
CA ILE A 361 -16.93 -8.00 -26.98
C ILE A 361 -15.53 -8.61 -26.80
N PRO A 362 -15.36 -9.48 -25.79
CA PRO A 362 -14.03 -10.07 -25.54
C PRO A 362 -13.37 -10.73 -26.75
N ASN A 363 -12.09 -10.43 -26.95
CA ASN A 363 -11.27 -10.97 -28.05
C ASN A 363 -11.70 -10.51 -29.45
N ASN A 364 -12.39 -9.35 -29.55
CA ASN A 364 -12.79 -8.76 -30.82
C ASN A 364 -11.51 -8.46 -31.63
N LEU A 365 -11.43 -8.99 -32.86
CA LEU A 365 -10.25 -8.83 -33.71
C LEU A 365 -9.98 -7.40 -34.16
N LYS A 366 -11.01 -6.53 -34.12
CA LYS A 366 -10.83 -5.13 -34.52
C LYS A 366 -10.31 -4.23 -33.38
N TYR A 367 -10.01 -4.80 -32.21
CA TYR A 367 -9.49 -4.02 -31.08
C TYR A 367 -8.03 -3.76 -31.33
N ASP A 368 -7.67 -2.49 -31.51
CA ASP A 368 -6.28 -2.11 -31.78
C ASP A 368 -5.75 -1.31 -30.58
N PRO A 369 -5.21 -1.98 -29.53
CA PRO A 369 -4.73 -1.24 -28.35
C PRO A 369 -3.58 -0.28 -28.66
N LYS A 370 -2.71 -0.63 -29.61
CA LYS A 370 -1.60 0.23 -30.00
C LYS A 370 -2.11 1.55 -30.55
N ALA A 371 -3.16 1.51 -31.38
CA ALA A 371 -3.74 2.70 -31.97
C ALA A 371 -4.57 3.50 -30.98
N ILE A 372 -5.17 2.84 -29.99
CA ILE A 372 -5.97 3.54 -28.99
C ILE A 372 -5.06 4.36 -28.05
N ILE A 373 -3.97 3.74 -27.51
CA ILE A 373 -3.02 4.43 -26.64
C ILE A 373 -2.40 5.61 -27.35
N ALA A 374 -2.05 5.45 -28.63
CA ALA A 374 -1.46 6.52 -29.43
C ALA A 374 -2.39 7.74 -29.47
N ASN A 375 -3.70 7.50 -29.65
CA ASN A 375 -4.74 8.54 -29.69
C ASN A 375 -5.02 9.18 -28.31
N LEU A 376 -4.66 8.49 -27.22
CA LEU A 376 -4.85 9.02 -25.87
C LEU A 376 -3.56 9.64 -25.31
N THR A 377 -2.45 9.62 -26.05
CA THR A 377 -1.18 10.10 -25.56
C THR A 377 -0.88 11.58 -25.90
N CYS A 378 -0.69 12.43 -24.87
CA CYS A 378 -0.27 13.83 -25.00
C CYS A 378 -0.98 14.59 -26.14
N LYS A 379 -2.33 14.56 -26.15
CA LYS A 379 -3.15 15.20 -27.17
C LYS A 379 -3.64 16.60 -26.79
N LYS A 380 -3.70 16.91 -25.48
CA LYS A 380 -4.10 18.22 -24.97
C LYS A 380 -2.96 18.74 -24.05
N PRO A 381 -2.67 20.06 -24.03
CA PRO A 381 -1.58 20.56 -23.16
C PRO A 381 -1.89 20.38 -21.66
N ASP A 382 -3.18 20.42 -21.28
CA ASP A 382 -3.56 20.22 -19.88
C ASP A 382 -4.22 18.86 -19.69
N GLN A 383 -3.90 17.84 -20.51
CA GLN A 383 -4.57 16.52 -20.45
C GLN A 383 -4.64 15.97 -19.04
N HIS A 384 -5.87 15.78 -18.54
CA HIS A 384 -6.11 15.39 -17.16
C HIS A 384 -6.16 13.89 -16.91
N PHE A 385 -5.47 13.14 -17.74
CA PHE A 385 -5.30 11.69 -17.56
C PHE A 385 -4.10 11.27 -18.39
N LYS A 386 -3.52 10.13 -18.03
CA LYS A 386 -2.40 9.60 -18.77
C LYS A 386 -2.64 8.11 -18.99
N PRO A 387 -2.55 7.67 -20.26
CA PRO A 387 -2.71 6.25 -20.54
C PRO A 387 -1.45 5.42 -20.26
N TYR A 388 -1.67 4.17 -19.84
CA TYR A 388 -0.57 3.24 -19.58
C TYR A 388 -1.04 1.86 -19.92
N MET A 389 -0.15 1.05 -20.50
CA MET A 389 -0.33 -0.40 -20.53
C MET A 389 0.05 -0.78 -19.06
N LYS A 390 -0.74 -1.63 -18.41
CA LYS A 390 -0.61 -1.90 -16.99
C LYS A 390 0.82 -2.25 -16.50
N GLN A 391 1.66 -2.92 -17.33
CA GLN A 391 3.06 -3.22 -16.94
C GLN A 391 3.93 -1.94 -16.88
N HIS A 392 3.47 -0.85 -17.50
CA HIS A 392 4.19 0.43 -17.47
C HIS A 392 3.77 1.33 -16.32
N LEU A 393 2.68 0.98 -15.58
CA LEU A 393 2.28 1.76 -14.42
C LEU A 393 3.40 1.72 -13.38
N PRO A 394 3.57 2.82 -12.61
CA PRO A 394 4.57 2.84 -11.52
C PRO A 394 4.47 1.58 -10.65
N LYS A 395 5.59 0.92 -10.42
CA LYS A 395 5.64 -0.34 -9.68
C LYS A 395 5.10 -0.25 -8.25
N ARG A 396 5.16 0.95 -7.64
CA ARG A 396 4.65 1.16 -6.29
C ARG A 396 3.12 0.96 -6.20
N LEU A 397 2.40 1.05 -7.34
CA LEU A 397 0.97 0.77 -7.34
C LEU A 397 0.69 -0.74 -7.23
N HIS A 398 1.65 -1.61 -7.63
CA HIS A 398 1.50 -3.08 -7.62
C HIS A 398 0.16 -3.48 -8.29
N TYR A 399 -0.14 -2.86 -9.43
CA TYR A 399 -1.45 -3.03 -10.04
C TYR A 399 -1.39 -3.57 -11.45
N ALA A 400 -0.99 -4.86 -11.58
CA ALA A 400 -0.90 -5.44 -12.92
C ALA A 400 -1.15 -6.93 -12.99
N ASN A 401 -0.69 -7.68 -11.98
CA ASN A 401 -0.70 -9.13 -11.96
C ASN A 401 -2.06 -9.76 -11.59
N ASN A 402 -3.07 -9.52 -12.41
CA ASN A 402 -4.39 -10.11 -12.22
C ASN A 402 -5.13 -10.03 -13.55
N ARG A 403 -5.80 -11.14 -13.94
CA ARG A 403 -6.57 -11.17 -15.17
C ARG A 403 -7.78 -10.22 -15.13
N ARG A 404 -8.19 -9.75 -13.92
CA ARG A 404 -9.27 -8.78 -13.84
C ARG A 404 -8.79 -7.34 -14.09
N ILE A 405 -7.46 -7.11 -14.26
CA ILE A 405 -6.94 -5.78 -14.54
C ILE A 405 -6.69 -5.69 -16.05
N GLU A 406 -7.47 -4.85 -16.73
CA GLU A 406 -7.37 -4.67 -18.17
C GLU A 406 -5.97 -4.16 -18.53
N ASP A 407 -5.45 -4.55 -19.69
CA ASP A 407 -4.14 -4.16 -20.17
C ASP A 407 -4.04 -2.63 -20.26
N LEU A 408 -5.07 -1.96 -20.74
CA LEU A 408 -5.06 -0.51 -20.89
C LEU A 408 -5.64 0.17 -19.66
N HIS A 409 -4.86 1.03 -19.02
CA HIS A 409 -5.26 1.74 -17.83
C HIS A 409 -5.10 3.25 -18.01
N LEU A 410 -5.94 4.06 -17.37
CA LEU A 410 -5.81 5.52 -17.39
C LEU A 410 -5.65 5.99 -15.96
N LEU A 411 -4.51 6.65 -15.67
CA LEU A 411 -4.25 7.23 -14.37
C LEU A 411 -4.86 8.63 -14.48
N VAL A 412 -5.87 8.94 -13.65
CA VAL A 412 -6.55 10.22 -13.75
C VAL A 412 -5.93 11.26 -12.81
N GLU A 413 -5.78 12.49 -13.28
CA GLU A 413 -5.26 13.57 -12.46
C GLU A 413 -6.27 13.88 -11.35
N ARG A 414 -5.79 14.18 -10.13
CA ARG A 414 -6.66 14.52 -8.99
C ARG A 414 -7.65 15.64 -9.33
N ARG A 415 -8.88 15.54 -8.80
CA ARG A 415 -9.99 16.48 -9.01
C ARG A 415 -10.70 16.29 -10.37
N TRP A 416 -10.24 15.32 -11.21
CA TRP A 416 -10.84 15.09 -12.51
C TRP A 416 -11.50 13.69 -12.60
N HIS A 417 -12.32 13.54 -13.62
CA HIS A 417 -12.97 12.28 -13.96
C HIS A 417 -12.68 11.99 -15.42
N VAL A 418 -12.77 10.71 -15.80
CA VAL A 418 -12.74 10.32 -17.20
C VAL A 418 -14.06 9.58 -17.45
N ALA A 419 -14.71 9.86 -18.60
CA ALA A 419 -15.94 9.22 -19.02
C ALA A 419 -15.83 8.86 -20.50
N ARG A 420 -16.70 7.97 -20.98
CA ARG A 420 -16.68 7.55 -22.37
C ARG A 420 -17.23 8.63 -23.31
N LYS A 421 -18.35 9.24 -22.95
CA LYS A 421 -18.99 10.26 -23.80
C LYS A 421 -19.79 11.29 -22.96
N PRO A 422 -20.01 12.53 -23.48
CA PRO A 422 -20.70 13.55 -22.68
C PRO A 422 -22.04 13.17 -22.03
N LEU A 423 -22.81 12.27 -22.66
CA LEU A 423 -24.11 11.80 -22.14
C LEU A 423 -24.03 11.13 -20.74
N ASP A 424 -22.99 10.34 -20.50
CA ASP A 424 -22.79 9.60 -19.25
C ASP A 424 -22.62 10.52 -18.03
N LYS A 432 -26.05 21.93 -12.63
CA LYS A 432 -25.42 21.61 -11.35
C LYS A 432 -25.17 20.12 -11.22
N CYS A 433 -23.96 19.75 -10.79
N CYS A 433 -23.98 19.74 -10.77
CA CYS A 433 -23.56 18.34 -10.65
CA CYS A 433 -23.60 18.35 -10.62
C CYS A 433 -24.22 17.68 -9.44
C CYS A 433 -24.31 17.69 -9.44
N PHE A 434 -24.53 16.38 -9.52
CA PHE A 434 -25.13 15.63 -8.41
C PHE A 434 -24.08 15.20 -7.35
N PHE A 435 -22.79 15.38 -7.63
CA PHE A 435 -21.73 15.05 -6.70
C PHE A 435 -20.67 16.14 -6.70
N GLN A 436 -20.02 16.32 -5.56
N GLN A 436 -20.01 16.31 -5.56
CA GLN A 436 -18.93 17.28 -5.36
CA GLN A 436 -18.92 17.27 -5.37
C GLN A 436 -17.64 16.62 -4.81
C GLN A 436 -17.63 16.62 -4.82
N GLY A 437 -17.67 15.33 -4.51
CA GLY A 437 -16.52 14.61 -3.98
C GLY A 437 -16.38 13.25 -4.63
N ASP A 438 -15.15 12.77 -4.76
CA ASP A 438 -14.87 11.43 -5.27
C ASP A 438 -13.47 10.99 -4.81
N HIS A 439 -13.18 9.72 -4.97
CA HIS A 439 -11.92 9.11 -4.59
C HIS A 439 -11.62 7.95 -5.57
N GLY A 440 -10.41 7.43 -5.54
CA GLY A 440 -10.01 6.34 -6.43
C GLY A 440 -8.65 6.57 -7.06
N PHE A 441 -8.20 7.85 -7.07
CA PHE A 441 -6.92 8.30 -7.60
C PHE A 441 -5.70 7.57 -7.00
N ASP A 442 -4.53 7.71 -7.66
CA ASP A 442 -3.19 7.26 -7.22
C ASP A 442 -3.08 7.39 -5.69
N ASN A 443 -2.71 6.30 -5.00
CA ASN A 443 -2.68 6.25 -3.54
C ASN A 443 -1.62 7.15 -2.87
N LYS A 444 -0.76 7.83 -3.65
CA LYS A 444 0.15 8.79 -3.02
C LYS A 444 -0.50 10.20 -2.93
N VAL A 445 -1.64 10.42 -3.60
CA VAL A 445 -2.31 11.72 -3.61
C VAL A 445 -2.74 12.07 -2.18
N ASN A 446 -2.37 13.26 -1.69
CA ASN A 446 -2.66 13.72 -0.33
C ASN A 446 -4.12 13.59 0.11
N SER A 447 -5.04 14.00 -0.78
CA SER A 447 -6.46 13.92 -0.47
C SER A 447 -6.96 12.47 -0.31
N MET A 448 -6.22 11.46 -0.83
CA MET A 448 -6.59 10.06 -0.71
C MET A 448 -6.12 9.41 0.60
N GLN A 449 -5.25 10.07 1.38
CA GLN A 449 -4.76 9.50 2.65
C GLN A 449 -5.86 9.40 3.67
N THR A 450 -5.79 8.39 4.54
CA THR A 450 -6.83 8.17 5.51
C THR A 450 -6.25 8.08 6.95
N VAL A 451 -7.04 7.64 7.94
CA VAL A 451 -6.64 7.65 9.34
C VAL A 451 -6.28 6.33 9.94
N PHE A 452 -5.45 6.37 10.97
CA PHE A 452 -5.13 5.22 11.78
C PHE A 452 -4.92 5.71 13.21
N VAL A 453 -5.63 5.05 14.15
CA VAL A 453 -5.52 5.24 15.58
C VAL A 453 -5.63 3.84 16.19
N GLY A 454 -4.70 3.51 17.09
CA GLY A 454 -4.74 2.28 17.87
C GLY A 454 -4.83 2.67 19.32
N TYR A 455 -5.79 2.13 20.05
CA TYR A 455 -5.96 2.49 21.46
C TYR A 455 -6.18 1.23 22.26
N GLY A 456 -5.47 1.08 23.39
CA GLY A 456 -5.66 -0.10 24.20
C GLY A 456 -4.41 -0.59 24.89
N PRO A 457 -4.55 -1.69 25.65
CA PRO A 457 -3.41 -2.20 26.42
C PRO A 457 -2.20 -2.59 25.59
N THR A 458 -2.43 -3.09 24.36
CA THR A 458 -1.31 -3.56 23.54
C THR A 458 -0.67 -2.45 22.69
N PHE A 459 -1.41 -1.36 22.45
CA PHE A 459 -0.86 -0.24 21.71
C PHE A 459 -0.05 0.64 22.67
N LYS A 460 0.87 1.45 22.12
CA LYS A 460 1.66 2.37 22.94
C LYS A 460 0.79 3.52 23.45
N TYR A 461 1.24 4.18 24.50
CA TYR A 461 0.54 5.28 25.14
C TYR A 461 1.08 6.62 24.60
N ARG A 462 0.16 7.54 24.22
CA ARG A 462 0.49 8.89 23.74
C ARG A 462 1.64 8.92 22.73
N THR A 463 1.60 8.01 21.79
CA THR A 463 2.66 7.85 20.82
C THR A 463 2.24 8.20 19.40
N LYS A 464 3.03 9.02 18.74
CA LYS A 464 2.83 9.34 17.34
C LYS A 464 3.83 8.46 16.52
N VAL A 465 3.35 7.83 15.47
CA VAL A 465 4.19 7.02 14.60
C VAL A 465 4.17 7.63 13.20
N PRO A 466 5.22 7.39 12.40
CA PRO A 466 5.21 7.91 11.02
C PRO A 466 4.10 7.30 10.17
N PRO A 467 3.73 7.96 9.05
CA PRO A 467 2.73 7.38 8.15
C PRO A 467 3.18 6.03 7.62
N PHE A 468 2.25 5.13 7.45
CA PHE A 468 2.53 3.78 6.96
C PHE A 468 1.40 3.29 6.00
N GLU A 469 1.64 2.21 5.27
CA GLU A 469 0.68 1.66 4.31
C GLU A 469 -0.30 0.69 5.00
N ASN A 470 -1.59 0.69 4.57
CA ASN A 470 -2.60 -0.19 5.15
C ASN A 470 -2.32 -1.72 4.96
N ILE A 471 -1.43 -2.13 4.00
CA ILE A 471 -1.05 -3.54 3.83
C ILE A 471 -0.30 -4.10 5.06
N GLU A 472 0.21 -3.23 5.95
CA GLU A 472 0.93 -3.67 7.13
C GLU A 472 0.03 -4.00 8.31
N LEU A 473 -1.25 -3.56 8.27
CA LEU A 473 -2.14 -3.77 9.43
C LEU A 473 -2.51 -5.21 9.71
N TYR A 474 -2.76 -6.05 8.68
CA TYR A 474 -3.09 -7.47 8.93
C TYR A 474 -2.10 -8.17 9.88
N ASN A 475 -0.75 -8.00 9.66
CA ASN A 475 0.26 -8.58 10.55
C ASN A 475 0.05 -8.11 11.99
N VAL A 476 -0.18 -6.81 12.18
CA VAL A 476 -0.39 -6.22 13.49
C VAL A 476 -1.63 -6.76 14.18
N MET A 477 -2.75 -6.85 13.44
CA MET A 477 -3.99 -7.44 13.95
C MET A 477 -3.83 -8.89 14.33
N CYS A 478 -3.01 -9.64 13.55
CA CYS A 478 -2.69 -11.02 13.89
C CYS A 478 -1.88 -11.03 15.19
N ASP A 479 -0.88 -10.14 15.31
CA ASP A 479 -0.06 -9.99 16.54
C ASP A 479 -0.95 -9.69 17.77
N LEU A 480 -1.89 -8.74 17.65
CA LEU A 480 -2.83 -8.34 18.71
C LEU A 480 -3.75 -9.49 19.15
N LEU A 481 -3.94 -10.52 18.30
CA LEU A 481 -4.80 -11.67 18.57
C LEU A 481 -4.06 -12.99 18.83
N GLY A 482 -2.72 -12.98 18.78
CA GLY A 482 -1.92 -14.19 18.97
C GLY A 482 -2.01 -15.13 17.79
N LEU A 483 -2.31 -14.60 16.57
CA LEU A 483 -2.44 -15.40 15.36
C LEU A 483 -1.17 -15.35 14.51
N LYS A 484 -0.90 -16.41 13.74
CA LYS A 484 0.20 -16.45 12.78
C LYS A 484 -0.41 -15.97 11.47
N PRO A 485 0.09 -14.88 10.90
CA PRO A 485 -0.51 -14.36 9.67
C PRO A 485 -0.32 -15.27 8.47
N ALA A 486 -1.31 -15.36 7.58
CA ALA A 486 -1.14 -16.09 6.31
C ALA A 486 -0.11 -15.28 5.48
N PRO A 487 0.55 -15.88 4.47
CA PRO A 487 1.54 -15.10 3.69
C PRO A 487 0.92 -13.83 3.11
N ASN A 488 1.52 -12.65 3.36
CA ASN A 488 0.95 -11.40 2.85
C ASN A 488 2.04 -10.42 2.40
N ASN A 489 1.66 -9.20 1.94
CA ASN A 489 2.57 -8.18 1.44
C ASN A 489 3.07 -7.20 2.46
N GLY A 490 2.64 -7.34 3.71
CA GLY A 490 3.21 -6.56 4.79
C GLY A 490 4.62 -7.08 5.06
N THR A 491 5.41 -6.27 5.77
CA THR A 491 6.77 -6.60 6.20
C THR A 491 6.67 -6.75 7.71
N HIS A 492 6.52 -7.99 8.17
CA HIS A 492 6.32 -8.32 9.58
C HIS A 492 7.49 -7.84 10.43
N GLY A 493 7.19 -6.92 11.33
CA GLY A 493 8.18 -6.27 12.17
C GLY A 493 8.30 -4.79 11.86
N SER A 494 7.85 -4.34 10.68
CA SER A 494 7.95 -2.93 10.31
C SER A 494 7.04 -2.03 11.13
N LEU A 495 5.98 -2.57 11.76
CA LEU A 495 5.12 -1.75 12.61
C LEU A 495 5.26 -2.13 14.11
N ASN A 496 6.35 -2.80 14.51
CA ASN A 496 6.56 -3.15 15.93
C ASN A 496 6.58 -1.89 16.82
N HIS A 497 6.97 -0.71 16.27
CA HIS A 497 7.02 0.53 17.05
C HIS A 497 5.63 1.08 17.47
N LEU A 498 4.55 0.45 17.00
CA LEU A 498 3.18 0.85 17.37
C LEU A 498 2.73 0.19 18.69
N LEU A 499 3.36 -0.92 19.05
CA LEU A 499 2.94 -1.80 20.11
C LEU A 499 3.83 -1.76 21.35
N ARG A 500 3.19 -1.86 22.53
CA ARG A 500 3.89 -1.93 23.81
C ARG A 500 4.42 -3.37 23.99
N THR A 501 3.60 -4.37 23.61
CA THR A 501 3.91 -5.80 23.68
C THR A 501 3.43 -6.55 22.41
N ASN A 502 3.53 -7.90 22.36
CA ASN A 502 3.09 -8.69 21.22
C ASN A 502 3.86 -8.34 19.95
N THR A 503 5.10 -7.79 20.10
CA THR A 503 5.89 -7.46 18.91
C THR A 503 6.35 -8.78 18.28
N PHE A 504 6.64 -8.72 17.00
CA PHE A 504 7.10 -9.88 16.26
C PHE A 504 8.62 -9.86 16.29
N ARG A 505 9.27 -10.98 16.57
CA ARG A 505 10.74 -11.03 16.54
C ARG A 505 11.13 -11.38 15.11
N PRO A 506 11.47 -10.37 14.29
CA PRO A 506 11.80 -10.67 12.89
C PRO A 506 13.15 -11.37 12.76
N THR A 507 13.26 -12.28 11.79
CA THR A 507 14.52 -12.99 11.57
C THR A 507 15.13 -12.60 10.24
N LEU A 508 16.42 -12.19 10.25
CA LEU A 508 17.18 -11.77 9.07
C LEU A 508 17.15 -12.88 8.02
N PRO A 509 16.76 -12.57 6.76
CA PRO A 509 16.73 -13.63 5.73
C PRO A 509 18.13 -14.18 5.47
N GLU A 510 18.23 -15.51 5.33
CA GLU A 510 19.52 -16.18 5.15
C GLU A 510 20.08 -15.90 3.77
N GLU A 511 21.39 -15.58 3.70
CA GLU A 511 22.02 -15.33 2.40
C GLU A 511 22.17 -16.70 1.73
N VAL A 512 21.71 -16.82 0.48
CA VAL A 512 21.75 -18.10 -0.21
C VAL A 512 23.05 -18.30 -0.98
N SER A 513 23.47 -17.28 -1.71
CA SER A 513 24.69 -17.36 -2.50
C SER A 513 25.76 -16.52 -1.87
N ARG A 514 26.89 -17.10 -1.66
CA ARG A 514 28.05 -16.41 -1.09
C ARG A 514 28.83 -15.83 -2.27
N PRO A 515 29.34 -14.60 -2.13
CA PRO A 515 30.10 -14.01 -3.23
C PRO A 515 31.47 -14.61 -3.43
N ASN A 516 31.95 -14.55 -4.68
CA ASN A 516 33.31 -14.86 -5.08
C ASN A 516 34.05 -13.51 -5.07
N TYR A 517 35.34 -13.52 -4.77
CA TYR A 517 36.14 -12.29 -4.76
C TYR A 517 37.27 -12.51 -5.75
N PRO A 518 37.02 -12.30 -7.05
CA PRO A 518 38.06 -12.62 -8.04
C PRO A 518 39.20 -11.62 -8.08
N GLY A 519 40.38 -12.14 -8.31
CA GLY A 519 41.57 -11.32 -8.47
C GLY A 519 41.89 -11.20 -9.95
N ILE A 520 42.99 -10.52 -10.28
CA ILE A 520 43.41 -10.38 -11.68
C ILE A 520 43.87 -11.75 -12.18
N MET A 521 43.12 -12.35 -13.11
CA MET A 521 43.45 -13.66 -13.65
C MET A 521 43.58 -13.68 -15.18
N TYR A 522 43.06 -12.67 -15.86
CA TYR A 522 43.10 -12.63 -17.32
C TYR A 522 43.98 -11.51 -17.86
N LEU A 523 44.33 -11.60 -19.13
CA LEU A 523 45.15 -10.60 -19.81
C LEU A 523 44.29 -9.90 -20.85
N GLN A 524 44.70 -8.69 -21.28
CA GLN A 524 43.99 -7.93 -22.33
C GLN A 524 43.83 -8.75 -23.61
N SER A 525 44.84 -9.57 -23.92
CA SER A 525 44.89 -10.43 -25.11
C SER A 525 43.88 -11.58 -25.07
N ASP A 526 43.38 -11.95 -23.88
CA ASP A 526 42.38 -13.01 -23.78
C ASP A 526 40.99 -12.58 -24.28
N PHE A 527 40.77 -11.28 -24.48
CA PHE A 527 39.46 -10.75 -24.85
C PHE A 527 39.28 -10.41 -26.33
N ASP A 528 38.17 -10.88 -26.91
CA ASP A 528 37.81 -10.60 -28.28
C ASP A 528 36.37 -10.09 -28.17
N LEU A 529 36.19 -8.96 -27.47
CA LEU A 529 34.85 -8.42 -27.23
C LEU A 529 34.38 -7.39 -28.27
N GLY A 530 35.25 -6.99 -29.20
CA GLY A 530 34.92 -5.96 -30.18
C GLY A 530 34.89 -4.56 -29.60
N CYS A 531 35.39 -4.39 -28.36
CA CYS A 531 35.46 -3.12 -27.62
C CYS A 531 36.80 -2.43 -27.86
N THR A 532 36.83 -1.10 -27.77
CA THR A 532 38.05 -0.30 -27.92
C THR A 532 38.09 0.83 -26.89
N CYS A 533 39.29 1.20 -26.44
CA CYS A 533 39.53 2.27 -25.50
C CYS A 533 40.96 2.74 -25.64
N THR A 548 42.94 -1.06 -2.45
CA THR A 548 42.37 -0.39 -1.29
C THR A 548 40.94 -0.88 -0.99
N LYS A 549 40.76 -2.21 -0.82
CA LYS A 549 39.44 -2.80 -0.53
C LYS A 549 38.83 -2.24 0.77
N GLY A 550 39.68 -2.07 1.78
CA GLY A 550 39.26 -1.54 3.08
C GLY A 550 38.68 -0.15 2.97
N SER A 551 39.35 0.69 2.18
CA SER A 551 38.93 2.05 1.91
C SER A 551 37.65 2.06 1.05
N THR A 552 37.54 1.15 0.06
CA THR A 552 36.32 1.05 -0.77
C THR A 552 35.07 0.65 0.06
N GLU A 553 35.19 -0.36 0.92
CA GLU A 553 34.07 -0.82 1.74
C GLU A 553 33.67 0.26 2.75
N GLU A 554 34.65 0.87 3.44
CA GLU A 554 34.38 1.89 4.45
C GLU A 554 33.72 3.12 3.85
N ARG A 555 34.08 3.47 2.60
CA ARG A 555 33.53 4.67 1.98
C ARG A 555 32.29 4.47 1.11
N HIS A 556 32.22 3.36 0.34
CA HIS A 556 31.14 3.18 -0.65
C HIS A 556 30.09 2.11 -0.31
N LEU A 557 30.38 1.23 0.66
CA LEU A 557 29.43 0.17 1.03
C LEU A 557 29.05 0.43 2.51
N LEU A 558 28.23 1.46 2.75
CA LEU A 558 27.97 1.93 4.11
C LEU A 558 27.14 1.05 5.03
N TYR A 559 26.35 0.17 4.45
CA TYR A 559 25.41 -0.65 5.24
C TYR A 559 25.62 -2.15 4.96
N GLY A 560 26.85 -2.51 4.63
CA GLY A 560 27.22 -3.89 4.30
C GLY A 560 26.79 -4.31 2.92
N ARG A 561 27.30 -5.47 2.46
CA ARG A 561 26.93 -5.95 1.15
C ARG A 561 25.49 -6.44 1.18
N PRO A 562 24.71 -6.13 0.14
CA PRO A 562 23.35 -6.71 0.05
C PRO A 562 23.46 -8.25 -0.02
N ALA A 563 22.54 -8.96 0.61
CA ALA A 563 22.56 -10.43 0.56
C ALA A 563 21.79 -10.93 -0.67
N VAL A 564 22.36 -11.91 -1.40
CA VAL A 564 21.69 -12.49 -2.56
C VAL A 564 20.83 -13.64 -2.01
N LEU A 565 19.50 -13.53 -2.13
CA LEU A 565 18.61 -14.54 -1.53
C LEU A 565 18.14 -15.63 -2.48
N TYR A 566 18.89 -15.88 -3.53
CA TYR A 566 18.58 -16.96 -4.47
C TYR A 566 19.88 -17.59 -4.93
N ARG A 567 19.78 -18.77 -5.55
CA ARG A 567 20.94 -19.49 -6.02
C ARG A 567 21.47 -18.89 -7.29
N THR A 568 22.73 -18.43 -7.29
CA THR A 568 23.35 -17.80 -8.46
C THR A 568 24.86 -17.71 -8.27
N SER A 569 25.61 -17.37 -9.33
CA SER A 569 27.05 -17.20 -9.23
C SER A 569 27.34 -15.70 -9.39
N TYR A 570 28.02 -15.09 -8.40
CA TYR A 570 28.32 -13.66 -8.50
C TYR A 570 29.66 -13.29 -7.86
N ASP A 571 30.25 -12.18 -8.33
CA ASP A 571 31.55 -11.71 -7.92
C ASP A 571 31.48 -10.33 -7.30
N ILE A 572 32.19 -10.11 -6.19
CA ILE A 572 32.30 -8.78 -5.62
C ILE A 572 33.48 -8.14 -6.34
N LEU A 573 33.30 -6.95 -6.89
CA LEU A 573 34.35 -6.21 -7.57
C LEU A 573 34.59 -4.86 -6.86
N TYR A 574 35.80 -4.64 -6.37
CA TYR A 574 36.17 -3.37 -5.72
C TYR A 574 36.82 -2.40 -6.68
N HIS A 575 36.52 -1.12 -6.55
CA HIS A 575 37.12 -0.04 -7.33
C HIS A 575 37.29 1.14 -6.36
N THR A 576 38.13 2.12 -6.71
CA THR A 576 38.33 3.30 -5.88
C THR A 576 37.01 4.04 -5.56
N ASP A 577 36.14 4.20 -6.58
CA ASP A 577 34.91 4.98 -6.45
C ASP A 577 33.62 4.19 -6.25
N PHE A 578 33.66 2.86 -6.38
CA PHE A 578 32.44 2.08 -6.22
C PHE A 578 32.71 0.60 -5.98
N GLU A 579 31.70 -0.10 -5.48
CA GLU A 579 31.78 -1.53 -5.30
C GLU A 579 30.56 -2.17 -5.99
N SER A 580 30.71 -3.38 -6.56
CA SER A 580 29.59 -4.03 -7.22
C SER A 580 29.53 -5.53 -6.97
N GLY A 581 28.33 -6.08 -7.12
CA GLY A 581 28.05 -7.50 -7.05
C GLY A 581 27.71 -7.88 -8.48
N TYR A 582 28.68 -8.46 -9.20
CA TYR A 582 28.53 -8.77 -10.62
C TYR A 582 27.98 -10.17 -10.87
N SER A 583 26.85 -10.25 -11.57
CA SER A 583 26.22 -11.53 -11.87
C SER A 583 26.80 -12.21 -13.10
N GLU A 584 27.31 -13.45 -12.92
CA GLU A 584 27.84 -14.21 -14.05
C GLU A 584 26.73 -14.68 -15.00
N ILE A 585 25.49 -14.81 -14.52
CA ILE A 585 24.37 -15.24 -15.34
C ILE A 585 23.86 -14.08 -16.19
N PHE A 586 23.62 -12.91 -15.58
CA PHE A 586 23.12 -11.74 -16.31
C PHE A 586 24.19 -10.97 -17.05
N LEU A 587 25.47 -11.23 -16.78
CA LEU A 587 26.58 -10.52 -17.41
C LEU A 587 26.57 -9.03 -17.04
N MET A 588 26.06 -8.67 -15.86
CA MET A 588 26.01 -7.30 -15.41
C MET A 588 25.89 -7.25 -13.89
N PRO A 589 26.17 -6.10 -13.25
CA PRO A 589 25.98 -6.04 -11.80
C PRO A 589 24.52 -6.23 -11.43
N LEU A 590 24.30 -6.89 -10.29
CA LEU A 590 22.99 -6.97 -9.66
C LEU A 590 22.79 -5.66 -8.83
N TRP A 591 23.92 -5.10 -8.33
CA TRP A 591 23.96 -3.88 -7.55
C TRP A 591 25.31 -3.21 -7.72
N THR A 592 25.29 -1.87 -7.61
CA THR A 592 26.47 -1.04 -7.69
C THR A 592 26.31 -0.01 -6.59
N SER A 593 27.27 0.06 -5.66
CA SER A 593 27.21 0.92 -4.48
C SER A 593 28.30 1.97 -4.52
N TYR A 594 27.93 3.23 -4.27
CA TYR A 594 28.92 4.31 -4.24
C TYR A 594 28.45 5.49 -3.42
N THR A 595 29.39 6.22 -2.82
CA THR A 595 29.04 7.40 -2.02
C THR A 595 29.56 8.66 -2.71
N ILE A 596 28.72 9.71 -2.76
CA ILE A 596 29.03 11.01 -3.33
C ILE A 596 28.90 11.97 -2.18
N SER A 597 29.99 12.60 -1.79
CA SER A 597 29.98 13.54 -0.67
C SER A 597 29.39 14.89 -1.10
N LYS A 598 29.06 15.73 -0.12
CA LYS A 598 28.51 17.07 -0.40
C LYS A 598 29.47 17.92 -1.29
N GLN A 599 30.78 17.76 -1.16
CA GLN A 599 31.74 18.55 -1.94
C GLN A 599 32.33 17.84 -3.17
N ALA A 600 31.72 16.75 -3.64
CA ALA A 600 32.22 16.03 -4.80
C ALA A 600 32.08 16.88 -6.07
N GLU A 601 33.01 16.72 -7.00
CA GLU A 601 33.00 17.49 -8.24
C GLU A 601 32.47 16.66 -9.41
N VAL A 602 31.71 17.31 -10.29
CA VAL A 602 31.20 16.63 -11.48
C VAL A 602 32.16 16.97 -12.61
N SER A 603 32.57 15.96 -13.38
CA SER A 603 33.45 16.16 -14.53
C SER A 603 32.80 15.59 -15.79
N SER A 604 33.29 16.00 -16.96
CA SER A 604 32.75 15.50 -18.23
C SER A 604 33.55 14.27 -18.71
N ILE A 605 32.98 13.47 -19.63
CA ILE A 605 33.69 12.34 -20.19
C ILE A 605 34.60 12.94 -21.25
N PRO A 606 35.94 12.83 -21.13
CA PRO A 606 36.81 13.42 -22.16
C PRO A 606 36.50 12.87 -23.55
N GLU A 607 36.56 13.73 -24.58
CA GLU A 607 36.24 13.38 -25.95
C GLU A 607 36.90 12.10 -26.46
N HIS A 608 38.13 11.80 -26.02
CA HIS A 608 38.82 10.57 -26.44
C HIS A 608 38.33 9.30 -25.70
N LEU A 609 37.46 9.45 -24.70
CA LEU A 609 36.93 8.32 -23.94
C LEU A 609 35.42 8.06 -24.19
N THR A 610 34.78 8.85 -25.07
CA THR A 610 33.35 8.75 -25.39
C THR A 610 32.84 7.31 -25.59
N ASN A 611 33.51 6.54 -26.46
CA ASN A 611 33.12 5.16 -26.78
C ASN A 611 33.97 4.10 -26.08
N CYS A 612 34.69 4.48 -25.02
CA CYS A 612 35.57 3.60 -24.28
C CYS A 612 34.82 2.57 -23.49
N VAL A 613 35.16 1.30 -23.73
CA VAL A 613 34.69 0.14 -22.97
C VAL A 613 35.93 -0.71 -22.76
N ARG A 614 36.20 -1.12 -21.52
CA ARG A 614 37.41 -1.87 -21.21
C ARG A 614 37.09 -3.23 -20.64
N PRO A 615 37.81 -4.27 -21.04
CA PRO A 615 37.60 -5.59 -20.41
C PRO A 615 38.05 -5.58 -18.94
N ASP A 616 37.44 -6.42 -18.13
CA ASP A 616 37.78 -6.50 -16.70
C ASP A 616 38.62 -7.76 -16.53
N VAL A 617 39.89 -7.60 -16.15
CA VAL A 617 40.80 -8.73 -16.04
C VAL A 617 40.50 -9.64 -14.84
N ARG A 618 39.50 -9.30 -14.01
CA ARG A 618 39.05 -10.18 -12.95
C ARG A 618 37.91 -11.11 -13.42
N VAL A 619 37.25 -10.79 -14.56
CA VAL A 619 36.12 -11.53 -15.10
C VAL A 619 36.44 -12.13 -16.46
N SER A 620 36.14 -13.41 -16.59
CA SER A 620 36.36 -14.20 -17.80
C SER A 620 35.70 -13.58 -19.01
N PRO A 621 36.32 -13.68 -20.19
CA PRO A 621 35.65 -13.21 -21.42
C PRO A 621 34.29 -13.91 -21.62
N GLY A 622 34.18 -15.17 -21.20
CA GLY A 622 32.94 -15.97 -21.27
C GLY A 622 31.84 -15.46 -20.35
N PHE A 623 32.21 -14.70 -19.32
CA PHE A 623 31.24 -14.10 -18.41
C PHE A 623 31.16 -12.57 -18.58
N SER A 624 31.58 -12.05 -19.75
CA SER A 624 31.55 -10.63 -20.03
C SER A 624 30.55 -10.28 -21.14
N GLN A 625 30.07 -9.05 -21.15
CA GLN A 625 29.29 -8.53 -22.27
C GLN A 625 30.33 -8.21 -23.39
N ASN A 626 29.84 -7.86 -24.57
CA ASN A 626 30.70 -7.49 -25.68
C ASN A 626 30.12 -6.27 -26.40
N CYS A 627 30.99 -5.50 -27.06
CA CYS A 627 30.56 -4.29 -27.76
C CYS A 627 29.93 -4.57 -29.11
N LEU A 628 30.23 -5.72 -29.74
CA LEU A 628 29.70 -6.09 -31.04
C LEU A 628 28.18 -6.20 -30.98
N ALA A 629 27.64 -6.86 -29.95
CA ALA A 629 26.20 -7.02 -29.80
C ALA A 629 25.48 -5.67 -29.74
N TYR A 630 26.06 -4.66 -29.06
CA TYR A 630 25.49 -3.32 -28.99
C TYR A 630 25.51 -2.60 -30.34
N LYS A 631 26.55 -2.85 -31.15
CA LYS A 631 26.65 -2.26 -32.48
C LYS A 631 25.64 -2.92 -33.41
N ASN A 632 25.45 -4.24 -33.28
CA ASN A 632 24.49 -4.96 -34.10
C ASN A 632 23.06 -4.59 -33.75
N ASP A 633 22.78 -4.37 -32.47
CA ASP A 633 21.42 -4.01 -32.04
C ASP A 633 21.24 -2.52 -32.29
N LYS A 634 20.58 -2.18 -33.40
CA LYS A 634 20.36 -0.81 -33.82
C LYS A 634 19.44 -0.01 -32.89
N GLN A 635 18.59 -0.69 -32.09
CA GLN A 635 17.71 0.03 -31.16
C GLN A 635 18.31 0.18 -29.75
N MET A 636 19.32 -0.64 -29.40
CA MET A 636 19.85 -0.67 -28.05
C MET A 636 21.25 -0.10 -27.93
N SER A 637 21.43 0.79 -26.98
CA SER A 637 22.74 1.35 -26.68
C SER A 637 23.12 0.86 -25.25
N TYR A 638 24.04 1.53 -24.58
CA TYR A 638 24.46 1.14 -23.24
C TYR A 638 24.72 2.37 -22.39
N GLY A 639 24.72 2.14 -21.09
CA GLY A 639 25.04 3.12 -20.08
C GLY A 639 25.88 2.47 -18.99
N PHE A 640 26.19 3.22 -17.94
CA PHE A 640 26.99 2.70 -16.83
C PHE A 640 26.26 2.84 -15.52
N LEU A 641 26.44 1.88 -14.58
CA LEU A 641 25.79 1.96 -13.26
C LEU A 641 26.47 3.00 -12.35
N PHE A 642 27.80 2.98 -12.32
CA PHE A 642 28.55 4.03 -11.65
C PHE A 642 28.86 5.03 -12.75
N PRO A 643 28.47 6.31 -12.60
CA PRO A 643 28.73 7.28 -13.67
C PRO A 643 30.17 7.78 -13.79
N PRO A 644 30.71 7.78 -15.02
CA PRO A 644 32.05 8.35 -15.23
C PRO A 644 32.14 9.82 -14.81
N TYR A 645 31.00 10.54 -14.83
CA TYR A 645 30.86 11.96 -14.45
C TYR A 645 31.25 12.22 -13.01
N LEU A 646 31.10 11.23 -12.14
CA LEU A 646 31.39 11.40 -10.72
C LEU A 646 32.65 10.71 -10.26
N SER A 647 33.59 10.45 -11.18
CA SER A 647 34.87 9.85 -10.80
C SER A 647 35.64 10.83 -9.90
N SER A 648 36.40 10.30 -8.93
CA SER A 648 37.15 11.16 -8.01
C SER A 648 38.45 11.73 -8.63
N SER A 649 38.91 11.18 -9.77
CA SER A 649 40.10 11.63 -10.47
C SER A 649 40.14 11.05 -11.90
N PRO A 650 40.92 11.66 -12.83
CA PRO A 650 41.04 11.08 -14.19
C PRO A 650 41.50 9.62 -14.21
N GLU A 651 42.45 9.23 -13.32
CA GLU A 651 42.89 7.84 -13.27
C GLU A 651 41.77 6.89 -12.86
N ALA A 652 40.97 7.29 -11.85
CA ALA A 652 39.86 6.47 -11.39
C ALA A 652 38.72 6.40 -12.40
N LYS A 653 38.58 7.41 -13.27
CA LYS A 653 37.52 7.42 -14.28
C LYS A 653 37.61 6.19 -15.21
N TYR A 654 38.81 5.60 -15.39
CA TYR A 654 38.97 4.43 -16.24
C TYR A 654 38.17 3.23 -15.76
N ASP A 655 37.94 3.09 -14.44
CA ASP A 655 37.14 1.98 -13.88
C ASP A 655 35.68 2.12 -14.25
N ALA A 656 35.19 3.35 -14.39
CA ALA A 656 33.80 3.58 -14.79
C ALA A 656 33.53 3.04 -16.20
N PHE A 657 34.57 2.84 -17.02
CA PHE A 657 34.43 2.32 -18.39
C PHE A 657 34.62 0.81 -18.51
N LEU A 658 34.76 0.09 -17.40
CA LEU A 658 34.88 -1.37 -17.42
C LEU A 658 33.59 -1.98 -17.98
N VAL A 659 33.77 -3.04 -18.76
CA VAL A 659 32.68 -3.81 -19.35
C VAL A 659 31.76 -4.37 -18.26
N THR A 660 32.29 -4.55 -17.02
CA THR A 660 31.51 -5.01 -15.87
C THR A 660 30.67 -3.92 -15.22
N ASN A 661 30.78 -2.67 -15.68
CA ASN A 661 29.97 -1.57 -15.16
C ASN A 661 28.91 -1.12 -16.21
N MET A 662 28.89 -1.73 -17.40
CA MET A 662 27.94 -1.34 -18.45
C MET A 662 26.63 -2.16 -18.42
N VAL A 663 25.54 -1.49 -18.77
CA VAL A 663 24.23 -2.09 -18.77
C VAL A 663 23.50 -1.67 -20.08
N PRO A 664 22.68 -2.56 -20.66
CA PRO A 664 21.93 -2.16 -21.88
C PRO A 664 20.86 -1.10 -21.62
N MET A 665 20.87 -0.05 -22.44
CA MET A 665 19.94 1.05 -22.31
C MET A 665 19.51 1.58 -23.66
N TYR A 666 18.22 1.77 -23.85
CA TYR A 666 17.70 2.42 -25.05
C TYR A 666 18.14 3.88 -25.05
N PRO A 667 18.47 4.48 -26.22
CA PRO A 667 18.82 5.92 -26.25
C PRO A 667 17.80 6.84 -25.57
N ALA A 668 16.48 6.55 -25.66
CA ALA A 668 15.47 7.41 -25.00
C ALA A 668 15.66 7.35 -23.47
N PHE A 669 15.94 6.15 -22.95
CA PHE A 669 16.15 5.97 -21.53
C PHE A 669 17.44 6.66 -21.10
N LYS A 670 18.50 6.60 -21.93
CA LYS A 670 19.77 7.24 -21.59
C LYS A 670 19.62 8.73 -21.27
N ARG A 671 18.66 9.43 -21.92
CA ARG A 671 18.39 10.84 -21.63
C ARG A 671 18.00 11.01 -20.14
N VAL A 672 17.19 10.10 -19.62
CA VAL A 672 16.78 10.08 -18.22
C VAL A 672 17.97 9.71 -17.32
N TRP A 673 18.63 8.56 -17.58
CA TRP A 673 19.74 8.07 -16.79
C TRP A 673 20.94 9.04 -16.72
N THR A 674 21.30 9.65 -17.86
CA THR A 674 22.42 10.58 -17.90
C THR A 674 22.11 11.87 -17.12
N TYR A 675 20.86 12.34 -17.18
CA TYR A 675 20.48 13.51 -16.40
C TYR A 675 20.51 13.20 -14.90
N PHE A 676 19.94 12.05 -14.48
CA PHE A 676 20.00 11.58 -13.11
C PHE A 676 21.48 11.50 -12.62
N GLN A 677 22.36 10.82 -13.37
CA GLN A 677 23.76 10.63 -12.96
C GLN A 677 24.63 11.90 -12.99
N ARG A 678 24.45 12.74 -14.00
CA ARG A 678 25.27 13.93 -14.20
C ARG A 678 24.78 15.14 -13.41
N VAL A 679 23.48 15.27 -13.21
CA VAL A 679 22.92 16.41 -12.48
C VAL A 679 22.29 16.04 -11.12
N LEU A 680 21.31 15.13 -11.11
CA LEU A 680 20.55 14.86 -9.90
C LEU A 680 21.34 14.25 -8.76
N VAL A 681 22.26 13.31 -8.98
CA VAL A 681 23.04 12.73 -7.85
C VAL A 681 23.82 13.81 -7.07
N LYS A 682 24.49 14.73 -7.78
CA LYS A 682 25.24 15.81 -7.17
C LYS A 682 24.28 16.74 -6.43
N LYS A 683 23.13 17.05 -7.03
CA LYS A 683 22.09 17.87 -6.40
C LYS A 683 21.62 17.24 -5.07
N TYR A 684 21.39 15.93 -5.05
CA TYR A 684 20.97 15.25 -3.82
C TYR A 684 22.10 15.22 -2.79
N ALA A 685 23.36 15.04 -3.24
CA ALA A 685 24.50 15.06 -2.32
C ALA A 685 24.65 16.44 -1.67
N SER A 686 24.39 17.50 -2.42
CA SER A 686 24.49 18.86 -1.91
C SER A 686 23.37 19.17 -0.90
N GLU A 687 22.16 18.63 -1.14
CA GLU A 687 21.01 18.85 -0.28
C GLU A 687 20.92 17.99 0.97
N ARG A 688 21.43 16.76 0.90
CA ARG A 688 21.33 15.82 2.02
C ARG A 688 22.64 15.60 2.79
N ASN A 689 23.71 16.35 2.44
CA ASN A 689 25.06 16.25 3.01
C ASN A 689 25.66 14.86 2.65
N GLY A 690 25.80 14.64 1.37
CA GLY A 690 26.30 13.38 0.86
C GLY A 690 25.19 12.35 0.71
N VAL A 691 25.36 11.45 -0.26
CA VAL A 691 24.40 10.38 -0.47
C VAL A 691 25.13 9.11 -0.85
N ASN A 692 24.57 7.99 -0.42
CA ASN A 692 25.05 6.67 -0.81
C ASN A 692 24.01 6.20 -1.81
N VAL A 693 24.48 5.74 -2.98
CA VAL A 693 23.62 5.31 -4.04
C VAL A 693 23.85 3.86 -4.30
N ILE A 694 22.78 3.08 -4.42
CA ILE A 694 22.85 1.70 -4.85
C ILE A 694 21.98 1.62 -6.07
N SER A 695 22.54 1.27 -7.23
CA SER A 695 21.79 1.19 -8.48
C SER A 695 21.94 -0.19 -9.12
N GLY A 696 20.98 -0.55 -9.98
CA GLY A 696 21.05 -1.82 -10.68
C GLY A 696 19.84 -2.09 -11.53
N PRO A 697 19.87 -3.24 -12.20
CA PRO A 697 18.76 -3.60 -13.10
C PRO A 697 17.67 -4.38 -12.38
N ILE A 698 16.50 -4.44 -13.04
CA ILE A 698 15.32 -5.21 -12.65
C ILE A 698 14.77 -5.93 -13.89
N PHE A 699 14.42 -7.19 -13.76
CA PHE A 699 13.81 -7.96 -14.84
C PHE A 699 12.44 -8.39 -14.32
N ASP A 700 11.37 -7.77 -14.82
CA ASP A 700 10.01 -8.16 -14.42
C ASP A 700 9.10 -8.24 -15.63
N TYR A 701 9.45 -9.11 -16.58
CA TYR A 701 8.71 -9.30 -17.82
C TYR A 701 7.26 -9.78 -17.60
N ASN A 702 7.02 -10.59 -16.55
CA ASN A 702 5.63 -11.04 -16.30
C ASN A 702 4.90 -10.15 -15.29
N TYR A 703 5.39 -8.91 -15.08
CA TYR A 703 4.80 -7.86 -14.22
C TYR A 703 4.14 -8.41 -12.94
N ASN A 704 4.83 -9.32 -12.23
CA ASN A 704 4.29 -9.83 -10.96
C ASN A 704 4.97 -9.21 -9.71
N GLY A 705 5.79 -8.18 -9.89
CA GLY A 705 6.52 -7.51 -8.82
C GLY A 705 7.63 -8.36 -8.20
N LEU A 706 7.96 -9.50 -8.83
CA LEU A 706 8.99 -10.40 -8.33
C LEU A 706 10.10 -10.59 -9.35
N ARG A 707 11.31 -10.82 -8.86
CA ARG A 707 12.49 -11.14 -9.65
C ARG A 707 12.19 -12.29 -10.68
N ASP A 708 12.45 -12.07 -11.97
CA ASP A 708 12.24 -13.07 -12.98
C ASP A 708 13.27 -14.18 -12.87
N ILE A 709 12.88 -15.39 -13.21
CA ILE A 709 13.83 -16.48 -13.35
C ILE A 709 14.37 -16.42 -14.82
N GLU A 710 15.39 -17.21 -15.17
CA GLU A 710 15.97 -17.17 -16.52
C GLU A 710 14.94 -17.23 -17.65
N ASP A 711 14.02 -18.23 -17.59
CA ASP A 711 12.95 -18.46 -18.58
C ASP A 711 12.04 -17.28 -18.89
N GLU A 712 11.75 -16.47 -17.88
CA GLU A 712 10.80 -15.37 -18.02
C GLU A 712 11.33 -14.14 -18.77
N ILE A 713 12.65 -13.99 -18.89
CA ILE A 713 13.27 -12.86 -19.59
C ILE A 713 13.04 -12.98 -21.08
N LYS A 714 12.28 -12.06 -21.68
CA LYS A 714 11.89 -12.16 -23.09
C LYS A 714 12.68 -11.31 -24.07
N GLN A 715 13.65 -10.51 -23.60
CA GLN A 715 14.42 -9.69 -24.53
C GLN A 715 15.89 -9.70 -24.17
N TYR A 716 16.72 -9.82 -25.19
CA TYR A 716 18.16 -9.86 -25.08
C TYR A 716 18.75 -8.86 -26.09
N VAL A 717 19.98 -8.38 -25.85
CA VAL A 717 20.69 -7.51 -26.80
C VAL A 717 20.99 -8.42 -28.04
N GLU A 718 20.64 -7.98 -29.25
CA GLU A 718 20.76 -8.75 -30.51
C GLU A 718 21.95 -9.71 -30.60
N GLY A 719 21.65 -10.97 -30.91
CA GLY A 719 22.61 -12.05 -31.09
C GLY A 719 23.44 -12.40 -29.86
N SER A 720 22.99 -11.98 -28.67
CA SER A 720 23.74 -12.25 -27.44
C SER A 720 22.88 -12.88 -26.33
N SER A 721 23.51 -13.20 -25.20
CA SER A 721 22.81 -13.67 -24.01
C SER A 721 22.79 -12.56 -22.94
N ILE A 722 22.89 -11.27 -23.35
CA ILE A 722 22.84 -10.15 -22.40
C ILE A 722 21.37 -9.80 -22.24
N PRO A 723 20.78 -10.04 -21.06
CA PRO A 723 19.36 -9.74 -20.90
C PRO A 723 19.06 -8.26 -20.86
N VAL A 724 17.86 -7.87 -21.32
CA VAL A 724 17.45 -6.48 -21.27
C VAL A 724 16.60 -6.21 -20.02
N PRO A 725 17.00 -5.30 -19.14
CA PRO A 725 16.19 -5.01 -17.94
C PRO A 725 14.88 -4.31 -18.28
N THR A 726 13.82 -4.61 -17.52
CA THR A 726 12.55 -3.91 -17.69
C THR A 726 12.57 -2.57 -16.96
N HIS A 727 13.36 -2.48 -15.87
CA HIS A 727 13.51 -1.29 -15.04
C HIS A 727 14.95 -1.16 -14.55
N TYR A 728 15.31 0.03 -14.06
CA TYR A 728 16.58 0.34 -13.40
C TYR A 728 16.20 1.02 -12.09
N TYR A 729 16.77 0.56 -10.98
CA TYR A 729 16.48 1.11 -9.68
C TYR A 729 17.66 1.92 -9.13
N SER A 730 17.38 2.74 -8.17
CA SER A 730 18.37 3.39 -7.34
C SER A 730 17.80 3.59 -5.96
N ILE A 731 18.62 3.38 -4.93
CA ILE A 731 18.29 3.57 -3.53
C ILE A 731 19.27 4.60 -3.04
N ILE A 732 18.77 5.75 -2.55
CA ILE A 732 19.61 6.86 -2.17
C ILE A 732 19.46 7.10 -0.69
N THR A 733 20.50 6.78 0.06
CA THR A 733 20.48 6.85 1.50
C THR A 733 21.39 7.94 2.02
N SER A 734 20.99 8.59 3.09
CA SER A 734 21.81 9.61 3.74
C SER A 734 21.46 9.63 5.25
N CYS A 735 22.10 10.49 6.05
CA CYS A 735 21.84 10.56 7.48
C CYS A 735 20.52 11.32 7.71
N LEU A 736 19.64 10.83 8.61
CA LEU A 736 18.41 11.59 8.93
C LEU A 736 18.81 12.95 9.56
N ASP A 737 19.83 12.95 10.39
CA ASP A 737 20.40 14.19 10.90
C ASP A 737 21.36 14.65 9.79
N PHE A 738 20.90 15.54 8.89
CA PHE A 738 21.69 16.03 7.76
C PHE A 738 22.95 16.83 8.15
N THR A 739 23.14 17.16 9.45
CA THR A 739 24.38 17.86 9.87
C THR A 739 25.58 16.91 9.92
N GLN A 740 25.35 15.59 9.78
CA GLN A 740 26.39 14.57 9.72
C GLN A 740 26.43 14.05 8.29
N PRO A 741 27.63 13.95 7.70
CA PRO A 741 27.74 13.43 6.34
C PRO A 741 27.23 11.99 6.21
N ALA A 742 26.78 11.60 5.02
CA ALA A 742 26.24 10.24 4.82
C ALA A 742 27.20 9.14 5.21
N ASP A 743 28.52 9.36 4.99
CA ASP A 743 29.52 8.34 5.30
C ASP A 743 30.02 8.36 6.73
N LYS A 744 29.45 9.21 7.62
CA LYS A 744 29.85 9.30 9.03
C LYS A 744 28.61 9.62 9.85
N CYS A 745 27.56 8.83 9.65
CA CYS A 745 26.25 9.01 10.29
C CYS A 745 26.12 8.09 11.51
N ASP A 746 25.80 8.64 12.69
CA ASP A 746 25.72 7.81 13.90
C ASP A 746 24.33 7.33 14.28
N GLY A 747 23.29 7.86 13.64
CA GLY A 747 21.93 7.50 14.01
C GLY A 747 21.03 7.01 12.90
N PRO A 748 19.74 7.35 12.97
CA PRO A 748 18.80 6.88 11.93
C PRO A 748 19.13 7.38 10.53
N LEU A 749 18.71 6.59 9.54
CA LEU A 749 18.96 6.85 8.14
C LEU A 749 17.74 7.49 7.47
N SER A 750 17.96 8.11 6.32
CA SER A 750 16.96 8.75 5.47
C SER A 750 17.11 8.13 4.08
N VAL A 751 16.02 7.63 3.48
CA VAL A 751 16.13 6.99 2.18
C VAL A 751 15.09 7.49 1.20
N SER A 752 15.43 7.50 -0.07
CA SER A 752 14.49 7.75 -1.16
C SER A 752 14.93 6.84 -2.29
N SER A 753 13.99 6.21 -2.98
CA SER A 753 14.31 5.24 -4.04
C SER A 753 13.38 5.42 -5.23
N PHE A 754 13.73 4.83 -6.36
CA PHE A 754 12.86 4.81 -7.53
C PHE A 754 13.09 3.50 -8.33
N ILE A 755 12.11 3.15 -9.17
CA ILE A 755 12.18 2.02 -10.09
C ILE A 755 11.73 2.61 -11.44
N LEU A 756 12.70 3.01 -12.27
CA LEU A 756 12.41 3.62 -13.56
C LEU A 756 12.16 2.61 -14.64
N PRO A 757 11.04 2.74 -15.37
CA PRO A 757 10.78 1.81 -16.47
C PRO A 757 11.81 2.04 -17.58
N HIS A 758 12.39 0.96 -18.07
CA HIS A 758 13.39 1.02 -19.13
C HIS A 758 12.62 0.93 -20.45
N ARG A 759 12.20 2.07 -20.99
CA ARG A 759 11.37 2.09 -22.18
C ARG A 759 12.08 2.68 -23.40
N PRO A 760 11.73 2.20 -24.60
CA PRO A 760 12.37 2.71 -25.82
C PRO A 760 11.92 4.10 -26.28
N ASP A 761 10.97 4.71 -25.57
CA ASP A 761 10.51 6.05 -25.91
C ASP A 761 10.18 6.81 -24.60
N ASN A 762 10.01 8.13 -24.72
CA ASN A 762 9.62 8.92 -23.57
C ASN A 762 8.18 9.39 -23.70
N ASP A 763 7.29 8.56 -24.26
CA ASP A 763 5.88 8.93 -24.46
C ASP A 763 5.12 9.25 -23.18
N GLU A 764 5.57 8.68 -22.06
CA GLU A 764 4.98 8.96 -20.75
C GLU A 764 5.20 10.45 -20.34
N SER A 765 6.31 11.06 -20.76
CA SER A 765 6.60 12.45 -20.44
C SER A 765 6.20 13.35 -21.60
N CYS A 766 5.04 14.01 -21.52
CA CYS A 766 4.54 14.85 -22.61
C CYS A 766 5.48 16.02 -22.96
N ASN A 767 6.28 16.48 -21.99
CA ASN A 767 7.21 17.58 -22.27
C ASN A 767 8.63 17.09 -22.55
N SER A 768 8.81 15.80 -22.99
CA SER A 768 10.17 15.29 -23.17
C SER A 768 10.95 15.84 -24.39
N SER A 769 10.32 16.66 -25.26
CA SER A 769 11.08 17.30 -26.36
C SER A 769 11.96 18.47 -25.82
N GLU A 770 11.65 18.97 -24.62
CA GLU A 770 12.37 20.04 -23.94
C GLU A 770 13.65 19.48 -23.27
N ASP A 771 14.50 20.36 -22.73
CA ASP A 771 15.70 19.95 -22.01
C ASP A 771 15.29 19.08 -20.77
N GLU A 772 16.13 18.11 -20.40
CA GLU A 772 15.89 17.16 -19.32
C GLU A 772 15.54 17.81 -17.98
N SER A 773 15.96 19.07 -17.77
CA SER A 773 15.65 19.83 -16.56
C SER A 773 14.16 20.19 -16.42
N LYS A 774 13.35 19.97 -17.47
CA LYS A 774 11.93 20.28 -17.45
C LYS A 774 11.03 19.07 -17.35
N TRP A 775 11.57 17.84 -17.31
CA TRP A 775 10.70 16.66 -17.29
C TRP A 775 11.26 15.42 -16.59
N VAL A 776 12.59 15.28 -16.47
CA VAL A 776 13.18 14.05 -15.93
C VAL A 776 12.84 13.84 -14.47
N GLU A 777 13.01 14.87 -13.64
CA GLU A 777 12.73 14.74 -12.22
C GLU A 777 11.27 14.43 -11.90
N GLU A 778 10.33 14.99 -12.68
CA GLU A 778 8.90 14.74 -12.53
C GLU A 778 8.59 13.23 -12.82
N LEU A 779 9.28 12.66 -13.84
CA LEU A 779 9.14 11.25 -14.19
C LEU A 779 9.68 10.38 -13.04
N MET A 780 10.83 10.76 -12.47
CA MET A 780 11.41 9.98 -11.37
C MET A 780 10.52 10.00 -10.14
N LYS A 781 9.91 11.16 -9.82
CA LYS A 781 9.02 11.28 -8.67
C LYS A 781 7.79 10.37 -8.81
N MET A 782 7.25 10.27 -10.02
CA MET A 782 6.11 9.40 -10.32
C MET A 782 6.48 7.91 -10.06
N HIS A 783 7.76 7.56 -10.29
CA HIS A 783 8.27 6.20 -10.12
C HIS A 783 9.08 6.01 -8.83
N THR A 784 8.76 6.83 -7.79
CA THR A 784 9.29 6.65 -6.45
C THR A 784 8.93 5.23 -5.92
N ALA A 785 9.76 4.67 -5.04
CA ALA A 785 9.57 3.29 -4.60
C ALA A 785 10.08 3.04 -3.18
N ARG A 786 9.58 1.98 -2.56
CA ARG A 786 10.09 1.55 -1.27
C ARG A 786 11.32 0.66 -1.56
N VAL A 787 12.25 0.56 -0.60
CA VAL A 787 13.38 -0.37 -0.74
C VAL A 787 12.84 -1.82 -0.83
N ARG A 788 11.77 -2.10 -0.05
CA ARG A 788 11.10 -3.38 -0.07
C ARG A 788 10.60 -3.76 -1.48
N ASP A 789 10.13 -2.78 -2.29
CA ASP A 789 9.66 -3.08 -3.66
C ASP A 789 10.85 -3.57 -4.50
N ILE A 790 12.03 -2.91 -4.35
CA ILE A 790 13.26 -3.31 -5.04
C ILE A 790 13.76 -4.71 -4.60
N GLU A 791 13.68 -5.02 -3.28
CA GLU A 791 14.07 -6.34 -2.78
C GLU A 791 13.26 -7.45 -3.43
N HIS A 792 11.94 -7.27 -3.53
CA HIS A 792 11.10 -8.28 -4.18
C HIS A 792 11.51 -8.49 -5.66
N LEU A 793 11.76 -7.38 -6.37
CA LEU A 793 12.10 -7.39 -7.81
C LEU A 793 13.49 -7.85 -8.12
N THR A 794 14.39 -7.90 -7.13
CA THR A 794 15.78 -8.26 -7.38
C THR A 794 16.25 -9.50 -6.62
N GLY A 795 15.54 -9.91 -5.56
CA GLY A 795 15.99 -11.03 -4.72
C GLY A 795 17.19 -10.64 -3.85
N LEU A 796 17.35 -9.33 -3.56
CA LEU A 796 18.44 -8.85 -2.71
C LEU A 796 17.90 -8.39 -1.37
N ASP A 797 18.73 -8.36 -0.34
CA ASP A 797 18.32 -7.89 0.98
C ASP A 797 19.35 -6.82 1.43
N PHE A 798 18.89 -5.56 1.58
CA PHE A 798 19.70 -4.40 1.92
C PHE A 798 19.79 -4.07 3.43
N TYR A 799 20.72 -3.16 3.79
CA TYR A 799 20.92 -2.69 5.16
C TYR A 799 21.17 -3.80 6.18
N ARG A 800 21.98 -4.76 5.81
CA ARG A 800 22.30 -5.88 6.68
C ARG A 800 23.33 -5.54 7.75
N LYS A 801 24.11 -4.48 7.55
CA LYS A 801 25.13 -4.11 8.54
C LYS A 801 25.03 -2.68 8.91
N THR A 802 24.15 -2.38 9.85
CA THR A 802 24.00 -1.02 10.36
C THR A 802 24.06 -1.09 11.91
N SER A 803 24.15 0.07 12.56
CA SER A 803 24.10 0.14 14.03
C SER A 803 22.62 0.32 14.51
N ARG A 804 21.61 0.12 13.62
CA ARG A 804 20.22 0.31 14.00
C ARG A 804 19.53 -1.02 14.25
N SER A 805 18.47 -1.01 15.07
CA SER A 805 17.69 -2.23 15.31
C SER A 805 17.06 -2.74 14.01
N TYR A 806 16.88 -4.05 13.92
CA TYR A 806 16.27 -4.64 12.73
C TYR A 806 14.83 -4.18 12.49
N SER A 807 14.06 -3.90 13.56
CA SER A 807 12.68 -3.38 13.42
C SER A 807 12.69 -2.01 12.77
N GLU A 808 13.63 -1.12 13.20
CA GLU A 808 13.80 0.21 12.63
C GLU A 808 14.19 0.10 11.14
N ILE A 809 15.10 -0.84 10.81
CA ILE A 809 15.49 -1.06 9.42
C ILE A 809 14.29 -1.53 8.56
N LEU A 810 13.44 -2.42 9.09
CA LEU A 810 12.24 -2.87 8.37
C LEU A 810 11.31 -1.66 8.09
N THR A 811 11.20 -0.72 9.06
CA THR A 811 10.38 0.47 8.85
C THR A 811 11.03 1.33 7.74
N LEU A 812 12.36 1.51 7.78
CA LEU A 812 13.08 2.26 6.73
C LEU A 812 12.83 1.62 5.33
N LYS A 813 12.81 0.28 5.25
CA LYS A 813 12.57 -0.43 3.98
C LYS A 813 11.16 -0.29 3.47
N THR A 814 10.18 0.01 4.35
CA THR A 814 8.82 0.25 3.86
C THR A 814 8.56 1.72 3.50
N TYR A 815 9.47 2.65 3.87
CA TYR A 815 9.28 4.06 3.58
C TYR A 815 9.11 4.33 2.08
N LEU A 816 8.17 5.20 1.77
CA LEU A 816 7.96 5.66 0.41
C LEU A 816 8.07 7.18 0.45
N HIS A 817 8.97 7.78 -0.33
CA HIS A 817 9.08 9.24 -0.40
C HIS A 817 8.05 9.70 -1.43
N THR A 818 6.98 10.40 -1.01
CA THR A 818 5.90 10.72 -1.95
C THR A 818 6.01 12.00 -2.75
N TYR A 819 6.83 12.96 -2.31
CA TYR A 819 6.96 14.26 -3.02
C TYR A 819 5.67 15.12 -2.95
N GLU A 820 4.76 14.80 -2.03
CA GLU A 820 3.54 15.55 -1.83
C GLU A 820 3.82 16.59 -0.74
C1 NAG B . 2.16 -10.43 -2.06
C2 NAG B . 3.28 -10.80 -3.04
C3 NAG B . 2.77 -12.00 -3.85
C4 NAG B . 2.31 -13.15 -2.95
C5 NAG B . 1.39 -12.69 -1.83
C6 NAG B . 1.14 -13.76 -0.76
C7 NAG B . 4.76 -9.05 -3.93
C8 NAG B . 4.92 -7.95 -4.94
N2 NAG B . 3.58 -9.70 -3.95
O3 NAG B . 3.83 -12.44 -4.70
O4 NAG B . 1.50 -13.99 -3.76
O5 NAG B . 1.94 -11.54 -1.18
O6 NAG B . 2.34 -14.23 -0.13
O7 NAG B . 5.64 -9.31 -3.11
C1 NAG B . 1.84 -15.34 -3.83
C2 NAG B . 0.60 -16.15 -4.19
C3 NAG B . 1.00 -17.62 -4.28
C4 NAG B . 2.18 -17.80 -5.25
C5 NAG B . 3.33 -16.88 -4.87
C6 NAG B . 4.47 -16.90 -5.87
C7 NAG B . -1.42 -15.04 -3.35
C8 NAG B . -2.46 -14.99 -2.26
N2 NAG B . -0.47 -15.97 -3.22
O3 NAG B . -0.11 -18.38 -4.74
O4 NAG B . 2.68 -19.12 -5.13
O5 NAG B . 2.85 -15.52 -4.82
O6 NAG B . 4.04 -16.51 -7.16
O7 NAG B . -1.45 -14.26 -4.30
C1 BMA B . 2.25 -20.09 -6.08
C2 BMA B . 3.34 -21.14 -6.18
C3 BMA B . 2.87 -22.23 -7.14
C4 BMA B . 1.54 -22.82 -6.68
C5 BMA B . 0.50 -21.70 -6.53
C6 BMA B . -0.80 -22.18 -5.93
O2 BMA B . 3.56 -21.68 -4.89
O3 BMA B . 3.86 -23.24 -7.29
O4 BMA B . 1.04 -23.74 -7.65
O5 BMA B . 1.02 -20.68 -5.66
O6 BMA B . -1.70 -21.09 -5.78
C1 MAN B . -2.96 -21.42 -5.26
C2 MAN B . -3.91 -20.25 -5.51
C3 MAN B . -3.54 -19.07 -4.60
C4 MAN B . -3.49 -19.50 -3.14
C5 MAN B . -2.49 -20.65 -3.00
C6 MAN B . -2.37 -21.19 -1.59
O2 MAN B . -5.26 -20.66 -5.30
O3 MAN B . -4.41 -17.94 -4.77
O4 MAN B . -3.07 -18.41 -2.34
O5 MAN B . -2.89 -21.74 -3.85
O6 MAN B . -3.63 -21.54 -1.03
C1 MAN B . -4.39 -17.22 -6.01
C2 MAN B . -4.79 -15.76 -5.77
C3 MAN B . -6.27 -15.67 -5.41
C4 MAN B . -7.13 -16.40 -6.44
C5 MAN B . -6.64 -17.82 -6.68
C6 MAN B . -7.34 -18.50 -7.84
O2 MAN B . -4.57 -15.05 -6.99
O3 MAN B . -6.67 -14.31 -5.32
O4 MAN B . -8.48 -16.43 -5.99
O5 MAN B . -5.25 -17.81 -7.00
O6 MAN B . -7.10 -17.80 -9.06
C1 MAN B . -3.33 -14.34 -7.07
C2 MAN B . -3.43 -13.33 -8.21
C3 MAN B . -3.39 -14.06 -9.55
C4 MAN B . -2.13 -14.93 -9.63
C5 MAN B . -2.12 -15.95 -8.49
C6 MAN B . -0.86 -16.77 -8.44
O2 MAN B . -2.32 -12.43 -8.15
O3 MAN B . -3.42 -13.12 -10.61
O4 MAN B . -2.07 -15.61 -10.87
O5 MAN B . -2.22 -15.23 -7.23
O6 MAN B . -0.91 -17.79 -7.44
C1 NAG C . -41.68 -26.01 8.97
C2 NAG C . -41.78 -26.33 10.47
C3 NAG C . -43.21 -26.88 10.61
C4 NAG C . -44.25 -25.84 10.21
C5 NAG C . -44.03 -25.40 8.76
C6 NAG C . -44.82 -24.17 8.39
C7 NAG C . -40.50 -27.77 12.01
C8 NAG C . -39.53 -28.92 12.10
N2 NAG C . -40.80 -27.36 10.77
O3 NAG C . -43.46 -27.37 11.92
O4 NAG C . -45.55 -26.44 10.30
O5 NAG C . -42.65 -25.04 8.57
O6 NAG C . -44.57 -23.79 7.04
O7 NAG C . -41.01 -27.27 13.01
C1 NAG D . -7.28 8.67 -33.80
C2 NAG D . -8.40 7.80 -34.35
C3 NAG D . -8.49 8.06 -35.85
C4 NAG D . -8.70 9.55 -36.14
C5 NAG D . -7.64 10.39 -35.44
C6 NAG D . -7.90 11.88 -35.50
C7 NAG D . -8.75 5.67 -33.17
C8 NAG D . -8.34 4.23 -33.06
N2 NAG D . -8.12 6.39 -34.11
O3 NAG D . -9.61 7.33 -36.36
O4 NAG D . -8.64 9.78 -37.54
O5 NAG D . -7.59 10.05 -34.04
O6 NAG D . -6.80 12.63 -35.03
O7 NAG D . -9.59 6.16 -32.43
ZN ZN E . -14.95 3.71 0.84
ZN ZN F . -17.03 6.53 -1.95
P PO4 G . -17.02 3.71 -2.86
O1 PO4 G . -15.61 3.15 -3.02
O2 PO4 G . -17.09 4.18 -1.33
O3 PO4 G . -18.19 2.69 -3.24
O4 PO4 G . -17.25 4.96 -3.85
CL CL H . 7.28 12.47 -25.01
C1 O9W I . -13.17 -5.64 6.73
C2 O9W I . -12.57 -4.79 7.64
C3 O9W I . -13.30 -3.84 8.35
C11 O9W I . -19.16 -4.55 2.13
C12 O9W I . -18.61 -3.54 3.19
C13 O9W I . -18.56 -2.13 2.54
C14 O9W I . -21.32 -5.26 0.94
C15 O9W I . -21.07 -6.78 0.95
C16 O9W I . -19.99 -7.31 0.23
C17 O9W I . -20.63 -9.54 0.98
C18 O9W I . -21.71 -9.02 1.69
C19 O9W I . -19.78 -8.70 0.24
C20 O9W I . -21.94 -7.63 1.67
C21 O9W I . -18.81 -4.00 5.64
C23 O9W I . -17.33 -4.10 5.79
C26 O9W I . -15.16 -6.58 5.50
C29 O9W I . -14.85 -5.75 2.10
C4 O9W I . -14.67 -3.78 8.10
C5 O9W I . -15.28 -4.59 7.14
C6 O9W I . -16.77 -4.46 6.94
N7 O9W I . -19.40 -3.71 4.44
C8 O9W I . -20.86 -3.63 4.39
C9 O9W I . -21.34 -4.70 3.38
N10 O9W I . -20.66 -4.53 2.08
O22 O9W I . -19.45 -4.19 6.67
F24 O9W I . -20.39 -10.86 0.99
CL1 O9W I . -10.87 -4.94 7.91
N27 O9W I . -14.77 -6.37 4.12
N28 O9W I . -15.44 -5.63 3.22
N30 O9W I . -13.71 -6.60 2.25
N31 O9W I . -13.74 -7.00 3.53
C32 O9W I . -15.23 -5.09 0.80
C33 O9W I . -14.53 -5.54 6.45
CL CL J . -16.95 -12.91 1.32
NA NA K . 8.60 -11.32 -12.43
NA NA L . 32.42 -6.20 0.50
NA NA M . -10.96 -12.34 24.19
NA NA N . -2.70 -1.78 -5.61
#